data_6FHX
#
_entry.id   6FHX
#
_cell.length_a   81.568
_cell.length_b   81.568
_cell.length_c   222.913
_cell.angle_alpha   90.00
_cell.angle_beta   90.00
_cell.angle_gamma   120.00
#
_symmetry.space_group_name_H-M   'P 32 2 1'
#
loop_
_entity.id
_entity.type
_entity.pdbx_description
1 polymer 'Lectin PHL'
2 non-polymer 'SODIUM ION'
3 non-polymer 'CHLORIDE ION'
4 non-polymer (2~{S},3~{S},4~{R},5~{S},6~{S})-2-[[(2~{R},3~{S},4~{R},6~{R})-2-(hydroxymethyl)-3,6-bis(oxidanyl)oxan-4-yl]methyl]-6-methyl-oxane-3,4,5-triol
5 water water
#
_entity_poly.entity_id   1
_entity_poly.type   'polypeptide(L)'
_entity_poly.pdbx_seq_one_letter_code
;MQPINTSNPDNTASYVKDEVEITSSTIALSEIVSVVNTSDGRLEVFGVGTDKAVWHNRQMAPHTGSPWSGWSSLKGQVTS
KPVVYINTDGRLEVFARGTDNALWHIWQTATNAGWSNWQSLGGVITSNPAIYANTDGRLEVFARGADNALWHISQTTAHS
GPWSSWASLNGVITSNPTVHINSDGRLEVFARGTDNALWHIWQTAPDSNLWSSWESLNGIITSDPVVIDTADGRLEVFAR
GADNALWHIWQTISHSGPWSGWQSLNGVITSAPAVAKNCDNRLEAFARGTDNALWHTWQTVSHSGPWSSWQSLNGVITSA
PTAVRDADGRLEVFARGTDNALWLTWQTASSWSPWISLGGVLIDASAIK
;
_entity_poly.pdbx_strand_id   A,B
#
# COMPACT_ATOMS: atom_id res chain seq x y z
N SER A 24 -0.57 29.71 -22.46
CA SER A 24 -1.63 29.76 -21.39
C SER A 24 -1.03 30.08 -20.01
N SER A 25 -1.70 31.00 -19.33
CA SER A 25 -1.33 31.41 -17.96
C SER A 25 -2.47 31.09 -16.99
N THR A 26 -3.31 30.12 -17.35
CA THR A 26 -4.45 29.71 -16.53
C THR A 26 -4.60 28.19 -16.49
N ILE A 27 -5.23 27.72 -15.43
CA ILE A 27 -5.60 26.31 -15.29
C ILE A 27 -6.98 26.28 -14.65
N ALA A 28 -7.67 25.18 -14.88
CA ALA A 28 -8.96 24.87 -14.27
C ALA A 28 -8.90 25.03 -12.76
N LEU A 29 -9.99 25.54 -12.19
CA LEU A 29 -10.12 25.72 -10.73
C LEU A 29 -9.55 24.54 -9.89
N SER A 30 -8.61 24.84 -9.02
CA SER A 30 -7.90 23.80 -8.25
C SER A 30 -8.75 23.16 -7.14
N GLU A 31 -8.20 22.09 -6.57
CA GLU A 31 -8.79 21.42 -5.39
C GLU A 31 -8.61 22.37 -4.25
N ILE A 32 -9.50 22.28 -3.26
CA ILE A 32 -9.49 23.20 -2.12
C ILE A 32 -8.68 22.65 -0.92
N VAL A 33 -8.62 21.32 -0.78
CA VAL A 33 -7.85 20.66 0.28
C VAL A 33 -6.86 19.62 -0.26
N SER A 34 -6.02 19.09 0.63
CA SER A 34 -5.22 17.93 0.38
C SER A 34 -5.61 16.90 1.43
N VAL A 35 -5.84 15.66 0.98
CA VAL A 35 -6.37 14.59 1.82
C VAL A 35 -5.30 13.55 1.90
N VAL A 36 -5.27 12.83 3.03
CA VAL A 36 -4.41 11.67 3.28
C VAL A 36 -5.17 10.63 4.12
N ASN A 37 -4.83 9.35 3.92
CA ASN A 37 -5.27 8.26 4.80
CA ASN A 37 -5.26 8.26 4.80
C ASN A 37 -4.25 8.18 5.93
N THR A 38 -4.70 8.32 7.16
CA THR A 38 -3.75 8.35 8.25
C THR A 38 -3.11 6.96 8.45
N SER A 39 -2.06 6.91 9.26
CA SER A 39 -1.46 5.63 9.64
C SER A 39 -2.45 4.65 10.26
N ASP A 40 -3.50 5.16 10.91
CA ASP A 40 -4.53 4.34 11.57
C ASP A 40 -5.81 4.35 10.74
N GLY A 41 -5.71 4.77 9.49
CA GLY A 41 -6.78 4.58 8.51
C GLY A 41 -7.92 5.59 8.40
N ARG A 42 -7.73 6.78 8.95
CA ARG A 42 -8.75 7.80 8.95
C ARG A 42 -8.44 8.80 7.83
N LEU A 43 -9.46 9.44 7.34
CA LEU A 43 -9.28 10.61 6.46
C LEU A 43 -9.03 11.88 7.28
N GLU A 44 -8.09 12.68 6.76
CA GLU A 44 -7.64 13.92 7.36
C GLU A 44 -7.27 14.91 6.24
N VAL A 45 -7.97 16.02 6.21
CA VAL A 45 -7.89 17.00 5.12
C VAL A 45 -7.17 18.27 5.64
N PHE A 46 -6.45 18.93 4.75
CA PHE A 46 -5.68 20.10 5.07
C PHE A 46 -6.00 21.20 4.04
N GLY A 47 -6.28 22.38 4.56
CA GLY A 47 -6.55 23.54 3.76
C GLY A 47 -6.12 24.84 4.41
N VAL A 48 -6.43 25.91 3.69
CA VAL A 48 -6.05 27.27 4.05
C VAL A 48 -7.28 28.08 4.44
N GLY A 49 -7.27 28.63 5.64
CA GLY A 49 -8.33 29.54 6.08
C GLY A 49 -8.13 30.98 5.62
N THR A 50 -9.00 31.86 6.09
CA THR A 50 -9.08 33.29 5.68
C THR A 50 -7.93 34.15 6.30
N ASP A 51 -7.38 33.62 7.39
CA ASP A 51 -6.15 34.11 8.01
C ASP A 51 -4.85 33.63 7.33
N LYS A 52 -4.97 32.83 6.26
CA LYS A 52 -3.83 32.25 5.51
C LYS A 52 -3.04 31.16 6.27
N ALA A 53 -3.60 30.65 7.36
CA ALA A 53 -2.98 29.57 8.14
C ALA A 53 -3.46 28.25 7.59
N VAL A 54 -2.69 27.20 7.86
CA VAL A 54 -3.06 25.84 7.50
C VAL A 54 -3.91 25.25 8.59
N TRP A 55 -5.07 24.74 8.21
CA TRP A 55 -6.05 24.16 9.11
C TRP A 55 -6.32 22.72 8.68
N HIS A 56 -6.73 21.92 9.65
CA HIS A 56 -7.02 20.51 9.39
C HIS A 56 -8.19 19.91 10.21
N ASN A 57 -8.74 18.90 9.58
CA ASN A 57 -9.87 18.23 10.08
C ASN A 57 -9.68 16.74 9.74
N ARG A 58 -10.05 15.90 10.70
CA ARG A 58 -10.02 14.48 10.51
C ARG A 58 -11.26 13.83 11.03
N GLN A 59 -11.52 12.66 10.49
CA GLN A 59 -12.50 11.74 11.01
C GLN A 59 -12.07 11.22 12.36
N MET A 60 -13.03 11.08 13.24
CA MET A 60 -12.85 10.41 14.54
C MET A 60 -12.37 8.96 14.45
N ALA A 61 -13.02 8.21 13.58
CA ALA A 61 -12.89 6.78 13.46
C ALA A 61 -12.73 6.46 11.98
N PRO A 62 -12.08 5.33 11.64
CA PRO A 62 -11.86 5.07 10.22
C PRO A 62 -13.05 4.33 9.61
N HIS A 63 -14.22 4.98 9.50
CA HIS A 63 -15.38 4.48 8.74
C HIS A 63 -16.05 5.57 7.94
N THR A 64 -16.69 5.19 6.84
CA THR A 64 -17.58 6.09 6.10
C THR A 64 -18.58 6.73 7.06
N GLY A 65 -18.78 8.04 6.94
CA GLY A 65 -19.73 8.80 7.79
C GLY A 65 -19.41 8.87 9.28
N SER A 66 -18.13 8.66 9.61
CA SER A 66 -17.62 8.98 10.93
C SER A 66 -17.87 10.47 11.18
N PRO A 67 -18.04 10.85 12.46
CA PRO A 67 -17.97 12.27 12.75
C PRO A 67 -16.56 12.78 12.56
N TRP A 68 -16.44 14.11 12.49
CA TRP A 68 -15.20 14.81 12.22
C TRP A 68 -14.79 15.64 13.42
N SER A 69 -13.51 15.97 13.47
CA SER A 69 -12.92 16.59 14.65
C SER A 69 -13.32 18.03 14.71
N GLY A 70 -13.61 18.60 13.54
CA GLY A 70 -13.68 20.04 13.37
C GLY A 70 -12.29 20.48 12.99
N TRP A 71 -12.25 21.72 12.55
CA TRP A 71 -11.06 22.34 12.04
C TRP A 71 -10.22 22.88 13.16
N SER A 72 -8.92 22.60 13.12
CA SER A 72 -7.98 23.21 14.04
C SER A 72 -6.80 23.79 13.26
N SER A 73 -6.14 24.80 13.85
CA SER A 73 -5.09 25.51 13.16
C SER A 73 -3.73 24.99 13.54
N LEU A 74 -2.91 24.73 12.52
CA LEU A 74 -1.46 24.55 12.61
C LEU A 74 -0.68 25.83 12.31
N LYS A 75 -1.38 26.96 12.31
CA LYS A 75 -0.83 28.29 12.07
C LYS A 75 -0.08 28.37 10.73
N GLY A 76 1.10 28.99 10.71
CA GLY A 76 1.73 29.38 9.45
C GLY A 76 0.95 30.44 8.66
N GLN A 77 1.61 30.96 7.64
CA GLN A 77 1.07 31.90 6.66
C GLN A 77 1.53 31.36 5.33
N VAL A 78 0.61 30.90 4.48
CA VAL A 78 0.98 30.19 3.25
C VAL A 78 0.55 30.91 1.98
N THR A 79 1.37 30.80 0.93
CA THR A 79 1.13 31.39 -0.39
C THR A 79 1.03 30.32 -1.50
N SER A 80 0.73 29.07 -1.08
CA SER A 80 0.44 27.93 -1.95
C SER A 80 -0.61 27.11 -1.25
N LYS A 81 -1.20 26.19 -2.00
CA LYS A 81 -1.96 25.11 -1.44
C LYS A 81 -1.00 24.31 -0.57
N PRO A 82 -1.41 23.94 0.66
CA PRO A 82 -0.67 23.03 1.53
C PRO A 82 -0.95 21.58 1.15
N VAL A 83 0.11 20.82 1.00
CA VAL A 83 0.07 19.47 0.50
C VAL A 83 0.63 18.54 1.57
N VAL A 84 -0.27 17.78 2.20
CA VAL A 84 0.16 16.72 3.12
C VAL A 84 0.70 15.48 2.39
N TYR A 85 1.70 14.83 2.99
CA TYR A 85 2.17 13.54 2.59
C TYR A 85 2.48 12.69 3.83
N ILE A 86 2.25 11.36 3.75
CA ILE A 86 2.59 10.47 4.89
C ILE A 86 4.03 9.90 4.73
N ASN A 87 4.87 10.11 5.74
CA ASN A 87 6.16 9.45 5.80
C ASN A 87 6.03 7.92 5.96
N THR A 88 7.11 7.20 5.67
CA THR A 88 7.04 5.72 5.71
C THR A 88 6.99 5.17 7.14
N ASP A 89 7.11 6.08 8.13
CA ASP A 89 6.90 5.72 9.56
C ASP A 89 5.54 6.17 10.11
N GLY A 90 4.65 6.56 9.21
CA GLY A 90 3.31 7.00 9.55
C GLY A 90 3.12 8.44 9.99
N ARG A 91 4.19 9.23 10.10
CA ARG A 91 4.02 10.61 10.50
C ARG A 91 3.64 11.48 9.31
N LEU A 92 2.51 12.16 9.40
CA LEU A 92 2.14 13.25 8.49
C LEU A 92 3.10 14.44 8.48
N GLU A 93 3.18 15.05 7.30
CA GLU A 93 4.09 16.15 7.06
C GLU A 93 3.49 16.99 5.95
N VAL A 94 3.40 18.29 6.23
CA VAL A 94 2.67 19.23 5.41
C VAL A 94 3.68 20.20 4.86
N PHE A 95 3.62 20.37 3.53
CA PHE A 95 4.50 21.24 2.75
C PHE A 95 3.74 22.42 2.12
N ALA A 96 4.29 23.60 2.21
CA ALA A 96 3.64 24.77 1.61
C ALA A 96 4.64 25.85 1.37
N ARG A 97 4.42 26.60 0.31
CA ARG A 97 5.17 27.81 0.08
C ARG A 97 4.85 28.88 1.11
N GLY A 98 5.90 29.53 1.61
CA GLY A 98 5.75 30.64 2.57
C GLY A 98 5.65 32.04 2.01
N THR A 99 5.46 32.98 2.93
CA THR A 99 5.41 34.41 2.66
C THR A 99 6.71 34.98 2.03
N ASP A 100 7.84 34.30 2.27
CA ASP A 100 9.13 34.60 1.66
C ASP A 100 9.49 33.73 0.41
N ASN A 101 8.49 32.99 -0.11
CA ASN A 101 8.62 32.09 -1.27
C ASN A 101 9.53 30.86 -1.11
N ALA A 102 9.91 30.57 0.14
CA ALA A 102 10.64 29.37 0.45
C ALA A 102 9.64 28.29 0.66
N LEU A 103 10.14 27.06 0.52
CA LEU A 103 9.40 25.88 0.87
C LEU A 103 9.47 25.80 2.36
N TRP A 104 8.31 25.77 3.02
CA TRP A 104 8.23 25.49 4.47
C TRP A 104 7.53 24.16 4.73
N HIS A 105 7.76 23.60 5.92
CA HIS A 105 7.15 22.38 6.31
C HIS A 105 6.92 22.29 7.78
N ILE A 106 6.02 21.38 8.13
CA ILE A 106 5.61 21.09 9.47
C ILE A 106 5.21 19.61 9.52
N TRP A 107 5.57 18.93 10.60
CA TRP A 107 5.42 17.48 10.65
C TRP A 107 5.00 17.03 12.01
N GLN A 108 4.28 15.91 12.05
CA GLN A 108 4.01 15.18 13.30
C GLN A 108 5.28 14.64 13.87
N THR A 109 5.53 14.89 15.15
CA THR A 109 6.83 14.48 15.77
C THR A 109 6.80 13.04 16.22
N ALA A 110 5.59 12.51 16.34
CA ALA A 110 5.40 11.09 16.58
C ALA A 110 4.17 10.67 15.77
N THR A 111 4.17 9.44 15.28
CA THR A 111 3.08 9.00 14.39
C THR A 111 1.74 9.36 14.98
N ASN A 112 0.93 10.11 14.20
CA ASN A 112 -0.43 10.51 14.54
C ASN A 112 -0.64 11.31 15.82
N ALA A 113 0.42 11.92 16.36
CA ALA A 113 0.39 12.67 17.60
C ALA A 113 0.64 14.18 17.33
N GLY A 114 1.57 14.81 18.05
CA GLY A 114 1.67 16.25 18.04
C GLY A 114 2.47 16.71 16.85
N TRP A 115 2.46 18.02 16.64
CA TRP A 115 3.10 18.61 15.50
C TRP A 115 4.25 19.46 15.95
N SER A 116 5.26 19.54 15.10
CA SER A 116 6.36 20.45 15.22
C SER A 116 5.90 21.88 14.97
N ASN A 117 6.88 22.79 15.03
CA ASN A 117 6.75 24.11 14.43
C ASN A 117 7.11 24.09 12.95
N TRP A 118 6.58 25.04 12.20
CA TRP A 118 6.97 25.26 10.83
C TRP A 118 8.46 25.56 10.72
N GLN A 119 9.16 24.91 9.79
CA GLN A 119 10.54 25.24 9.50
C GLN A 119 10.73 25.45 8.00
N SER A 120 11.74 26.24 7.65
CA SER A 120 11.98 26.58 6.27
C SER A 120 12.97 25.62 5.69
N LEU A 121 12.65 25.12 4.50
CA LEU A 121 13.59 24.42 3.66
C LEU A 121 14.19 25.34 2.60
N GLY A 122 14.08 26.66 2.76
CA GLY A 122 14.82 27.59 1.87
C GLY A 122 14.27 27.52 0.45
N GLY A 123 15.11 27.82 -0.54
CA GLY A 123 14.66 27.84 -1.93
C GLY A 123 13.74 29.02 -2.25
N VAL A 124 13.53 29.27 -3.53
CA VAL A 124 12.50 30.17 -4.00
C VAL A 124 11.63 29.42 -5.00
N ILE A 125 10.36 29.28 -4.67
CA ILE A 125 9.43 28.52 -5.52
C ILE A 125 8.20 29.30 -5.96
N THR A 126 7.58 28.82 -7.03
CA THR A 126 6.55 29.53 -7.75
C THR A 126 5.41 28.61 -8.13
N SER A 127 5.27 27.52 -7.39
CA SER A 127 4.17 26.56 -7.57
C SER A 127 3.83 25.99 -6.23
N ASN A 128 2.73 25.24 -6.21
CA ASN A 128 2.43 24.35 -5.08
C ASN A 128 3.49 23.24 -5.15
N PRO A 129 3.80 22.63 -4.01
CA PRO A 129 4.80 21.58 -3.99
C PRO A 129 4.18 20.23 -4.23
N ALA A 130 4.93 19.34 -4.86
CA ALA A 130 4.50 17.98 -5.14
C ALA A 130 5.50 17.02 -4.48
N ILE A 131 4.98 16.00 -3.82
CA ILE A 131 5.76 15.18 -2.92
C ILE A 131 5.51 13.71 -3.18
N TYR A 132 6.58 12.94 -3.07
CA TYR A 132 6.47 11.49 -3.04
C TYR A 132 7.61 10.84 -2.22
N ALA A 133 7.34 9.62 -1.70
CA ALA A 133 8.41 8.85 -1.05
C ALA A 133 9.19 8.10 -2.10
N ASN A 134 10.51 8.25 -2.01
CA ASN A 134 11.38 7.33 -2.68
C ASN A 134 11.20 5.93 -2.09
N THR A 135 11.71 4.92 -2.80
CA THR A 135 11.66 3.53 -2.32
C THR A 135 12.52 3.32 -1.09
N ASP A 136 13.43 4.25 -0.82
CA ASP A 136 14.25 4.21 0.38
C ASP A 136 13.69 4.97 1.56
N GLY A 137 12.43 5.38 1.49
CA GLY A 137 11.78 6.12 2.57
C GLY A 137 12.04 7.63 2.58
N ARG A 138 12.91 8.12 1.69
CA ARG A 138 13.26 9.54 1.62
C ARG A 138 12.18 10.28 0.84
N LEU A 139 11.58 11.29 1.46
CA LEU A 139 10.58 12.11 0.75
C LEU A 139 11.35 13.04 -0.14
N GLU A 140 10.77 13.29 -1.31
CA GLU A 140 11.38 14.20 -2.25
C GLU A 140 10.30 15.12 -2.76
N VAL A 141 10.60 16.41 -2.68
CA VAL A 141 9.66 17.46 -2.92
C VAL A 141 10.06 18.20 -4.19
N PHE A 142 9.10 18.38 -5.08
CA PHE A 142 9.33 18.99 -6.39
C PHE A 142 8.46 20.23 -6.46
N ALA A 143 9.02 21.29 -7.03
CA ALA A 143 8.21 22.51 -7.26
C ALA A 143 8.84 23.37 -8.27
N ARG A 144 8.03 24.20 -8.91
CA ARG A 144 8.56 25.19 -9.86
C ARG A 144 9.45 26.25 -9.15
N GLY A 145 10.51 26.66 -9.83
CA GLY A 145 11.40 27.71 -9.31
C GLY A 145 11.09 29.13 -9.75
N ALA A 146 11.88 30.05 -9.21
CA ALA A 146 11.93 31.45 -9.68
C ALA A 146 12.31 31.50 -11.14
N ASP A 147 13.23 30.61 -11.56
CA ASP A 147 13.66 30.53 -12.96
C ASP A 147 12.73 29.71 -13.88
N ASN A 148 11.57 29.33 -13.36
CA ASN A 148 10.50 28.58 -14.08
C ASN A 148 10.78 27.10 -14.41
N ALA A 149 11.87 26.60 -13.88
CA ALA A 149 12.31 25.22 -14.09
C ALA A 149 11.78 24.39 -12.93
N LEU A 150 11.87 23.07 -13.06
CA LEU A 150 11.49 22.13 -11.99
C LEU A 150 12.66 21.91 -11.06
N TRP A 151 12.50 22.31 -9.80
CA TRP A 151 13.51 22.06 -8.76
C TRP A 151 12.96 21.04 -7.80
N HIS A 152 13.88 20.52 -6.98
CA HIS A 152 13.57 19.51 -6.03
C HIS A 152 14.60 19.38 -4.93
N ILE A 153 14.12 18.79 -3.85
CA ILE A 153 14.92 18.65 -2.64
C ILE A 153 14.44 17.37 -1.94
N SER A 154 15.30 16.74 -1.14
CA SER A 154 14.86 15.52 -0.43
C SER A 154 15.45 15.31 0.97
N GLN A 155 14.75 14.47 1.72
CA GLN A 155 15.27 13.99 3.00
C GLN A 155 16.52 13.19 2.72
N THR A 156 17.55 13.38 3.53
CA THR A 156 18.83 12.66 3.35
C THR A 156 18.81 11.22 3.86
N THR A 157 17.95 10.93 4.85
CA THR A 157 17.65 9.58 5.28
C THR A 157 16.13 9.38 5.40
N ALA A 158 15.74 8.11 5.52
CA ALA A 158 14.32 7.77 5.50
C ALA A 158 13.60 8.58 6.55
N HIS A 159 12.53 9.26 6.11
CA HIS A 159 11.59 10.03 6.97
C HIS A 159 12.29 10.94 7.98
N SER A 160 13.32 11.64 7.52
CA SER A 160 14.12 12.49 8.40
C SER A 160 14.96 13.55 7.72
N GLY A 161 15.13 14.68 8.43
CA GLY A 161 16.13 15.68 8.12
C GLY A 161 17.50 15.11 8.45
N PRO A 162 18.57 15.83 8.12
CA PRO A 162 18.54 17.11 7.39
C PRO A 162 18.18 16.88 5.93
N TRP A 163 17.85 17.97 5.22
CA TRP A 163 17.51 17.85 3.81
C TRP A 163 18.69 18.16 2.91
N SER A 164 18.64 17.66 1.68
CA SER A 164 19.65 17.87 0.67
C SER A 164 19.67 19.32 0.22
N SER A 165 20.67 19.64 -0.59
CA SER A 165 20.66 20.88 -1.37
C SER A 165 19.51 20.86 -2.36
N TRP A 166 18.93 22.03 -2.63
CA TRP A 166 18.08 22.18 -3.82
C TRP A 166 18.86 21.90 -5.11
N ALA A 167 18.20 21.27 -6.07
CA ALA A 167 18.77 21.08 -7.39
C ALA A 167 17.70 21.20 -8.45
N SER A 168 18.13 21.30 -9.70
CA SER A 168 17.21 21.55 -10.81
C SER A 168 17.13 20.40 -11.75
N LEU A 169 15.93 20.20 -12.29
CA LEU A 169 15.72 19.32 -13.40
C LEU A 169 15.39 20.11 -14.67
N ASN A 170 15.74 21.40 -14.67
CA ASN A 170 15.47 22.26 -15.81
C ASN A 170 13.96 22.21 -16.17
N GLY A 171 13.64 22.33 -17.46
CA GLY A 171 12.27 22.49 -17.92
C GLY A 171 11.87 23.92 -17.81
N VAL A 172 10.76 24.26 -18.44
CA VAL A 172 10.09 25.53 -18.17
C VAL A 172 8.66 25.08 -18.05
N ILE A 173 8.05 25.27 -16.90
CA ILE A 173 6.70 24.77 -16.75
C ILE A 173 5.66 25.86 -16.40
N THR A 174 4.40 25.55 -16.76
CA THR A 174 3.31 26.49 -16.68
C THR A 174 2.15 25.92 -15.89
N SER A 175 2.42 24.88 -15.10
CA SER A 175 1.43 24.34 -14.18
C SER A 175 2.12 23.87 -12.93
N ASN A 176 1.31 23.57 -11.92
CA ASN A 176 1.84 22.92 -10.73
C ASN A 176 2.32 21.53 -11.17
N PRO A 177 3.42 21.07 -10.62
CA PRO A 177 3.89 19.76 -11.01
C PRO A 177 3.17 18.64 -10.23
N THR A 178 3.14 17.47 -10.85
CA THR A 178 2.57 16.26 -10.24
C THR A 178 3.60 15.13 -10.33
N VAL A 179 3.90 14.54 -9.18
CA VAL A 179 4.84 13.44 -9.06
C VAL A 179 4.09 12.16 -8.65
N HIS A 180 4.51 11.05 -9.23
CA HIS A 180 4.05 9.72 -8.79
C HIS A 180 5.19 8.75 -9.01
N ILE A 181 5.15 7.62 -8.32
CA ILE A 181 6.16 6.60 -8.45
C ILE A 181 5.70 5.52 -9.44
N ASN A 182 6.64 5.02 -10.23
CA ASN A 182 6.37 3.90 -11.10
C ASN A 182 6.35 2.64 -10.25
N SER A 183 5.76 1.60 -10.83
CA SER A 183 5.67 0.27 -10.24
C SER A 183 7.03 -0.41 -10.07
N ASP A 184 8.04 0.10 -10.75
CA ASP A 184 9.46 -0.23 -10.45
C ASP A 184 10.25 0.73 -9.52
N GLY A 185 9.60 1.68 -8.85
CA GLY A 185 10.31 2.57 -7.91
C GLY A 185 10.92 3.87 -8.42
N ARG A 186 10.83 4.14 -9.73
CA ARG A 186 11.34 5.40 -10.30
C ARG A 186 10.30 6.49 -10.20
N LEU A 187 10.67 7.64 -9.66
CA LEU A 187 9.74 8.79 -9.58
C LEU A 187 9.62 9.38 -10.96
N GLU A 188 8.46 9.94 -11.21
CA GLU A 188 8.18 10.55 -12.47
C GLU A 188 7.31 11.76 -12.25
N VAL A 189 7.69 12.85 -12.89
CA VAL A 189 7.07 14.12 -12.67
C VAL A 189 6.41 14.60 -13.94
N PHE A 190 5.19 15.12 -13.78
CA PHE A 190 4.34 15.61 -14.86
C PHE A 190 4.02 17.09 -14.63
N ALA A 191 4.05 17.88 -15.71
CA ALA A 191 3.74 19.30 -15.66
C ALA A 191 3.40 19.82 -17.04
N ARG A 192 2.61 20.88 -17.11
CA ARG A 192 2.27 21.48 -18.38
C ARG A 192 3.47 22.29 -18.84
N GLY A 193 3.75 22.21 -20.14
CA GLY A 193 4.83 22.96 -20.78
C GLY A 193 4.39 24.28 -21.37
N THR A 194 5.37 25.03 -21.87
CA THR A 194 5.10 26.34 -22.55
C THR A 194 4.36 26.24 -23.87
N ASP A 195 4.40 25.08 -24.51
CA ASP A 195 3.48 24.80 -25.62
C ASP A 195 2.12 24.25 -25.16
N ASN A 196 1.86 24.31 -23.86
CA ASN A 196 0.69 23.68 -23.23
C ASN A 196 0.51 22.15 -23.38
N ALA A 197 1.54 21.46 -23.84
CA ALA A 197 1.52 20.01 -23.88
C ALA A 197 1.81 19.46 -22.47
N LEU A 198 1.40 18.20 -22.27
CA LEU A 198 1.82 17.45 -21.09
C LEU A 198 3.26 17.04 -21.25
N TRP A 199 4.12 17.51 -20.36
CA TRP A 199 5.52 17.07 -20.35
C TRP A 199 5.83 16.24 -19.11
N HIS A 200 6.83 15.39 -19.21
CA HIS A 200 7.26 14.59 -18.10
C HIS A 200 8.73 14.24 -18.14
N ILE A 201 9.25 13.91 -16.99
CA ILE A 201 10.69 13.67 -16.81
C ILE A 201 10.77 12.60 -15.68
N TRP A 202 11.78 11.72 -15.72
CA TRP A 202 11.81 10.59 -14.77
C TRP A 202 13.17 10.19 -14.27
N GLN A 203 13.13 9.63 -13.05
CA GLN A 203 14.21 8.86 -12.53
C GLN A 203 14.58 7.66 -13.44
N THR A 204 15.90 7.46 -13.57
CA THR A 204 16.50 6.37 -14.36
C THR A 204 16.85 5.19 -13.48
N ALA A 205 16.66 5.39 -12.19
CA ALA A 205 16.87 4.36 -11.18
C ALA A 205 16.15 4.87 -9.91
N PRO A 206 15.69 3.96 -9.03
CA PRO A 206 15.11 4.41 -7.78
C PRO A 206 16.11 5.07 -6.85
N ASP A 207 15.68 6.12 -6.16
CA ASP A 207 16.45 6.75 -5.06
C ASP A 207 17.57 7.61 -5.60
N SER A 208 17.51 7.85 -6.89
CA SER A 208 18.60 8.38 -7.63
C SER A 208 18.48 9.93 -7.78
N ASN A 209 19.63 10.61 -7.90
CA ASN A 209 19.66 11.96 -8.46
C ASN A 209 19.81 11.99 -10.00
N LEU A 210 19.64 10.86 -10.67
CA LEU A 210 19.80 10.76 -12.14
C LEU A 210 18.45 10.71 -12.78
N TRP A 211 18.23 11.64 -13.69
CA TRP A 211 16.99 11.81 -14.33
C TRP A 211 17.19 11.72 -15.84
N SER A 212 16.10 11.46 -16.55
CA SER A 212 16.07 11.56 -17.99
C SER A 212 15.96 13.00 -18.41
N SER A 213 16.06 13.22 -19.71
CA SER A 213 15.70 14.50 -20.27
C SER A 213 14.17 14.67 -20.17
N TRP A 214 13.72 15.92 -20.22
CA TRP A 214 12.29 16.24 -20.39
C TRP A 214 11.74 15.69 -21.71
N GLU A 215 10.55 15.12 -21.66
CA GLU A 215 9.88 14.70 -22.90
C GLU A 215 8.38 15.04 -22.93
N SER A 216 7.89 15.28 -24.14
CA SER A 216 6.54 15.73 -24.36
C SER A 216 5.65 14.52 -24.59
N LEU A 217 4.46 14.53 -23.98
CA LEU A 217 3.37 13.58 -24.26
C LEU A 217 2.32 14.25 -25.14
N ASN A 218 2.69 15.42 -25.67
CA ASN A 218 1.86 16.24 -26.55
C ASN A 218 0.53 16.65 -25.89
N GLY A 219 -0.45 16.98 -26.72
CA GLY A 219 -1.78 17.33 -26.28
C GLY A 219 -1.80 18.79 -25.93
N ILE A 220 -2.97 19.25 -25.52
CA ILE A 220 -3.13 20.57 -24.98
C ILE A 220 -3.90 20.39 -23.72
N ILE A 221 -3.36 20.87 -22.61
CA ILE A 221 -4.00 20.68 -21.32
C ILE A 221 -4.27 22.02 -20.65
N THR A 222 -5.41 22.07 -19.96
CA THR A 222 -5.94 23.29 -19.38
C THR A 222 -6.23 23.01 -17.90
N SER A 223 -5.45 22.11 -17.31
CA SER A 223 -5.49 21.89 -15.89
C SER A 223 -4.16 21.29 -15.46
N ASP A 224 -3.99 21.20 -14.16
CA ASP A 224 -2.92 20.41 -13.58
C ASP A 224 -3.14 18.98 -14.05
N PRO A 225 -2.05 18.28 -14.38
CA PRO A 225 -2.16 16.83 -14.54
C PRO A 225 -2.44 16.15 -13.19
N VAL A 226 -3.27 15.10 -13.22
CA VAL A 226 -3.54 14.21 -12.09
C VAL A 226 -3.09 12.82 -12.49
N VAL A 227 -2.30 12.16 -11.64
CA VAL A 227 -1.56 10.95 -12.00
C VAL A 227 -1.88 9.89 -10.98
N ILE A 228 -2.05 8.65 -11.46
CA ILE A 228 -2.29 7.48 -10.63
C ILE A 228 -1.51 6.26 -11.18
N ASP A 229 -1.32 5.27 -10.30
N ASP A 229 -1.34 5.21 -10.37
CA ASP A 229 -0.77 3.95 -10.64
CA ASP A 229 -0.68 3.96 -10.81
C ASP A 229 -1.97 3.00 -10.78
C ASP A 229 -1.73 2.85 -10.75
N THR A 230 -2.11 2.34 -11.93
CA THR A 230 -3.23 1.38 -12.13
C THR A 230 -2.92 0.07 -11.39
N ALA A 231 -3.92 -0.78 -11.17
CA ALA A 231 -3.66 -2.12 -10.55
C ALA A 231 -2.61 -2.92 -11.32
N ASP A 232 -2.54 -2.73 -12.63
CA ASP A 232 -1.55 -3.40 -13.44
C ASP A 232 -0.24 -2.60 -13.61
N GLY A 233 0.01 -1.69 -12.68
CA GLY A 233 1.28 -0.96 -12.59
C GLY A 233 1.65 0.04 -13.68
N ARG A 234 0.65 0.67 -14.29
CA ARG A 234 0.84 1.67 -15.34
C ARG A 234 0.58 3.11 -14.80
N LEU A 235 1.47 4.05 -15.08
CA LEU A 235 1.15 5.45 -14.83
C LEU A 235 0.14 5.90 -15.85
N GLU A 236 -0.95 6.49 -15.36
CA GLU A 236 -1.99 7.09 -16.19
C GLU A 236 -2.31 8.48 -15.69
N VAL A 237 -2.35 9.45 -16.60
CA VAL A 237 -2.46 10.88 -16.30
C VAL A 237 -3.78 11.37 -16.88
N PHE A 238 -4.57 12.06 -16.04
CA PHE A 238 -5.82 12.72 -16.43
C PHE A 238 -5.54 14.23 -16.45
N ALA A 239 -6.13 14.95 -17.40
CA ALA A 239 -6.09 16.40 -17.43
C ALA A 239 -7.25 16.93 -18.23
N ARG A 240 -7.76 18.11 -17.86
CA ARG A 240 -8.74 18.78 -18.72
C ARG A 240 -8.01 19.21 -20.02
N GLY A 241 -8.74 19.14 -21.15
CA GLY A 241 -8.20 19.58 -22.49
C GLY A 241 -8.71 20.93 -23.02
N ALA A 242 -8.46 21.18 -24.30
CA ALA A 242 -8.75 22.50 -24.90
C ALA A 242 -10.25 22.67 -25.14
N ASP A 243 -10.92 21.54 -25.37
CA ASP A 243 -12.36 21.54 -25.53
C ASP A 243 -13.08 21.42 -24.20
N ASN A 244 -12.36 21.60 -23.09
CA ASN A 244 -12.87 21.40 -21.72
C ASN A 244 -13.45 20.02 -21.37
N ALA A 245 -13.02 18.99 -22.11
CA ALA A 245 -13.32 17.59 -21.75
C ALA A 245 -12.22 17.02 -20.86
N LEU A 246 -12.57 15.98 -20.13
CA LEU A 246 -11.57 15.16 -19.45
C LEU A 246 -10.89 14.25 -20.48
N TRP A 247 -9.55 14.38 -20.59
CA TRP A 247 -8.70 13.48 -21.36
C TRP A 247 -7.79 12.66 -20.44
N HIS A 248 -7.20 11.60 -20.98
CA HIS A 248 -6.28 10.75 -20.25
C HIS A 248 -5.35 10.00 -21.18
N ILE A 249 -4.19 9.63 -20.63
CA ILE A 249 -3.12 8.99 -21.39
C ILE A 249 -2.39 8.03 -20.44
N TRP A 250 -1.65 7.07 -20.97
CA TRP A 250 -1.12 6.01 -20.13
C TRP A 250 0.10 5.34 -20.64
N GLN A 251 0.78 4.66 -19.74
CA GLN A 251 1.91 3.85 -20.07
C GLN A 251 1.31 2.61 -20.69
N THR A 252 1.97 2.08 -21.72
CA THR A 252 1.47 0.87 -22.44
C THR A 252 1.75 -0.42 -21.69
N ILE A 253 2.87 -0.47 -21.01
CA ILE A 253 3.31 -1.69 -20.30
C ILE A 253 3.78 -1.15 -18.96
N SER A 254 3.74 -1.99 -17.93
CA SER A 254 4.09 -1.53 -16.57
C SER A 254 5.43 -0.81 -16.64
N HIS A 255 5.45 0.40 -16.06
CA HIS A 255 6.59 1.38 -16.13
C HIS A 255 7.26 1.53 -17.53
N SER A 256 6.41 1.55 -18.56
CA SER A 256 6.77 1.30 -19.98
C SER A 256 8.27 1.16 -20.30
N TRP A 259 4.00 5.51 -24.67
CA TRP A 259 2.68 5.76 -24.08
C TRP A 259 1.59 5.63 -25.11
N SER A 260 0.35 5.42 -24.65
CA SER A 260 -0.79 5.39 -25.55
C SER A 260 -0.99 6.77 -26.20
N GLY A 261 -1.99 6.85 -27.04
CA GLY A 261 -2.44 8.16 -27.46
C GLY A 261 -3.26 8.81 -26.35
N TRP A 262 -3.55 10.09 -26.54
CA TRP A 262 -4.56 10.78 -25.77
C TRP A 262 -5.94 10.27 -26.17
N GLN A 263 -6.74 9.86 -25.19
CA GLN A 263 -8.12 9.43 -25.41
C GLN A 263 -9.00 10.35 -24.58
N SER A 264 -10.16 10.72 -25.13
CA SER A 264 -11.13 11.60 -24.47
C SER A 264 -12.13 10.76 -23.66
N LEU A 265 -12.53 11.30 -22.51
CA LEU A 265 -13.61 10.74 -21.67
C LEU A 265 -14.86 11.65 -21.68
N ASN A 266 -14.83 12.71 -22.49
CA ASN A 266 -15.94 13.64 -22.69
C ASN A 266 -16.25 14.46 -21.43
N GLY A 267 -17.52 14.86 -21.27
CA GLY A 267 -17.93 15.84 -20.29
C GLY A 267 -17.51 17.21 -20.75
N VAL A 268 -18.14 18.23 -20.18
CA VAL A 268 -17.61 19.60 -20.18
C VAL A 268 -17.36 19.96 -18.73
N ILE A 269 -16.08 20.10 -18.33
CA ILE A 269 -15.72 20.31 -16.91
C ILE A 269 -15.21 21.74 -16.64
N THR A 270 -15.58 22.31 -15.49
CA THR A 270 -15.21 23.68 -15.12
C THR A 270 -14.26 23.72 -13.90
N SER A 271 -13.67 22.57 -13.60
CA SER A 271 -12.63 22.44 -12.58
C SER A 271 -11.68 21.34 -13.00
N ALA A 272 -10.57 21.27 -12.29
CA ALA A 272 -9.64 20.15 -12.38
C ALA A 272 -10.33 18.85 -12.00
N PRO A 273 -9.89 17.74 -12.59
CA PRO A 273 -10.45 16.46 -12.20
C PRO A 273 -9.77 15.88 -10.99
N ALA A 274 -10.42 14.85 -10.48
CA ALA A 274 -9.92 14.11 -9.35
C ALA A 274 -10.22 12.61 -9.64
N VAL A 275 -9.20 11.78 -9.48
CA VAL A 275 -9.30 10.36 -9.81
C VAL A 275 -8.96 9.60 -8.54
N ALA A 276 -9.67 8.50 -8.33
CA ALA A 276 -9.42 7.58 -7.21
C ALA A 276 -9.87 6.17 -7.59
N LYS A 277 -9.44 5.22 -6.79
CA LYS A 277 -9.61 3.82 -7.08
C LYS A 277 -10.67 3.27 -6.18
N ASN A 278 -11.65 2.57 -6.77
CA ASN A 278 -12.64 1.84 -5.97
C ASN A 278 -11.94 0.66 -5.35
N CYS A 279 -12.54 -0.02 -4.37
CA CYS A 279 -11.77 -1.08 -3.71
C CYS A 279 -11.47 -2.25 -4.63
N ASP A 280 -12.27 -2.44 -5.69
CA ASP A 280 -11.94 -3.42 -6.73
C ASP A 280 -10.96 -2.84 -7.77
N ASN A 281 -10.38 -1.66 -7.51
CA ASN A 281 -9.36 -1.02 -8.37
C ASN A 281 -9.89 -0.32 -9.64
N ARG A 282 -11.21 -0.27 -9.87
CA ARG A 282 -11.79 0.50 -10.98
C ARG A 282 -11.60 2.00 -10.73
N LEU A 283 -10.92 2.68 -11.64
CA LEU A 283 -10.80 4.13 -11.62
C LEU A 283 -12.15 4.84 -11.75
N GLU A 284 -12.22 6.01 -11.15
CA GLU A 284 -13.40 6.85 -11.12
C GLU A 284 -12.92 8.28 -11.06
N ALA A 285 -13.32 9.07 -12.06
CA ALA A 285 -12.94 10.49 -12.19
C ALA A 285 -14.07 11.39 -11.68
N PHE A 286 -13.70 12.53 -11.07
CA PHE A 286 -14.65 13.53 -10.60
C PHE A 286 -14.25 14.95 -11.03
N ALA A 287 -15.23 15.82 -11.27
CA ALA A 287 -14.97 17.20 -11.70
C ALA A 287 -16.24 18.02 -11.68
N ARG A 288 -16.07 19.31 -11.60
CA ARG A 288 -17.20 20.20 -11.51
C ARG A 288 -17.78 20.37 -12.91
N GLY A 289 -19.11 20.39 -12.96
CA GLY A 289 -19.84 20.58 -14.23
C GLY A 289 -20.06 22.04 -14.58
N THR A 290 -20.59 22.26 -15.80
CA THR A 290 -21.02 23.58 -16.31
C THR A 290 -22.14 24.20 -15.47
N ASP A 291 -22.99 23.34 -14.91
CA ASP A 291 -23.97 23.71 -13.86
C ASP A 291 -23.42 23.83 -12.40
N ASN A 292 -22.09 23.83 -12.25
CA ASN A 292 -21.38 23.83 -10.97
C ASN A 292 -21.74 22.70 -10.03
N ALA A 293 -22.20 21.58 -10.57
CA ALA A 293 -22.50 20.41 -9.75
C ALA A 293 -21.30 19.44 -9.79
N LEU A 294 -21.24 18.52 -8.83
CA LEU A 294 -20.29 17.40 -8.94
C LEU A 294 -20.73 16.42 -10.03
N TRP A 295 -19.85 16.13 -10.98
CA TRP A 295 -20.10 15.05 -11.94
C TRP A 295 -19.06 13.95 -11.75
N HIS A 296 -19.38 12.73 -12.22
CA HIS A 296 -18.45 11.56 -12.24
C HIS A 296 -18.66 10.58 -13.42
N THR A 297 -17.56 9.92 -13.79
CA THR A 297 -17.55 8.82 -14.74
C THR A 297 -16.57 7.81 -14.19
N TRP A 298 -16.88 6.53 -14.39
CA TRP A 298 -16.15 5.45 -13.71
C TRP A 298 -15.92 4.28 -14.66
N GLN A 299 -14.84 3.54 -14.41
CA GLN A 299 -14.63 2.25 -15.08
C GLN A 299 -15.73 1.24 -14.65
N THR A 300 -16.22 0.50 -15.62
CA THR A 300 -17.29 -0.46 -15.40
C THR A 300 -16.68 -1.84 -15.36
N VAL A 301 -17.34 -2.72 -14.62
CA VAL A 301 -17.06 -4.15 -14.62
C VAL A 301 -15.80 -4.48 -13.85
N SER A 302 -14.64 -4.08 -14.40
CA SER A 302 -13.32 -4.31 -13.78
C SER A 302 -12.35 -3.14 -14.04
N HIS A 303 -11.11 -3.28 -13.56
CA HIS A 303 -10.09 -2.24 -13.75
C HIS A 303 -9.47 -2.11 -15.17
N SER A 304 -9.74 -3.07 -16.06
CA SER A 304 -9.49 -2.86 -17.51
C SER A 304 -10.78 -2.63 -18.31
N GLY A 305 -11.84 -2.24 -17.62
CA GLY A 305 -13.12 -2.09 -18.25
C GLY A 305 -13.29 -0.77 -18.95
N PRO A 306 -14.43 -0.62 -19.67
CA PRO A 306 -14.74 0.69 -20.24
C PRO A 306 -15.30 1.68 -19.23
N TRP A 307 -15.25 2.94 -19.66
CA TRP A 307 -15.63 4.08 -18.87
C TRP A 307 -17.12 4.36 -19.11
N SER A 308 -17.88 4.45 -18.00
CA SER A 308 -19.28 4.89 -18.04
C SER A 308 -19.40 6.28 -18.72
N SER A 309 -20.64 6.68 -18.92
CA SER A 309 -20.93 8.03 -19.35
C SER A 309 -20.99 8.90 -18.08
N TRP A 310 -20.86 10.20 -18.20
CA TRP A 310 -20.93 11.10 -17.04
C TRP A 310 -22.33 11.14 -16.34
N GLN A 311 -22.34 11.07 -15.01
CA GLN A 311 -23.56 11.25 -14.18
C GLN A 311 -23.39 12.34 -13.11
N SER A 312 -24.48 13.03 -12.78
CA SER A 312 -24.45 14.09 -11.76
C SER A 312 -24.53 13.52 -10.38
N LEU A 313 -23.78 14.15 -9.46
CA LEU A 313 -23.84 13.87 -8.03
C LEU A 313 -24.39 15.11 -7.30
N ASN A 314 -24.90 16.07 -8.06
CA ASN A 314 -25.63 17.24 -7.52
C ASN A 314 -24.61 18.15 -6.80
N GLY A 315 -25.15 18.99 -5.91
CA GLY A 315 -24.38 19.89 -5.08
C GLY A 315 -24.02 21.07 -5.95
N VAL A 316 -23.63 22.18 -5.31
CA VAL A 316 -23.13 23.35 -6.00
C VAL A 316 -21.78 23.67 -5.38
N ILE A 317 -20.72 23.49 -6.17
CA ILE A 317 -19.37 23.57 -5.66
C ILE A 317 -18.58 24.74 -6.28
N THR A 318 -17.70 25.29 -5.45
CA THR A 318 -16.88 26.45 -5.78
C THR A 318 -15.39 26.07 -5.75
N SER A 319 -15.09 24.79 -5.95
CA SER A 319 -13.73 24.29 -6.18
C SER A 319 -13.82 23.01 -6.97
N ALA A 320 -12.65 22.51 -7.38
CA ALA A 320 -12.54 21.12 -7.81
C ALA A 320 -12.67 20.15 -6.66
N PRO A 321 -13.11 18.92 -6.94
CA PRO A 321 -13.34 17.98 -5.87
C PRO A 321 -12.08 17.23 -5.51
N THR A 322 -12.11 16.57 -4.35
CA THR A 322 -10.98 15.78 -3.89
C THR A 322 -11.52 14.41 -3.54
N ALA A 323 -10.94 13.36 -4.10
CA ALA A 323 -11.55 12.03 -4.03
C ALA A 323 -10.59 11.11 -3.31
N VAL A 324 -11.10 10.27 -2.43
CA VAL A 324 -10.24 9.32 -1.75
C VAL A 324 -11.03 8.12 -1.28
N ARG A 325 -10.35 6.98 -1.29
CA ARG A 325 -10.92 5.74 -0.74
C ARG A 325 -10.59 5.64 0.75
N ASP A 326 -11.66 5.55 1.53
CA ASP A 326 -11.61 5.44 2.98
C ASP A 326 -11.36 4.02 3.33
N ALA A 327 -11.26 3.74 4.63
CA ALA A 327 -10.95 2.44 5.14
C ALA A 327 -12.13 1.45 5.12
N ASP A 328 -13.31 1.91 4.74
CA ASP A 328 -14.42 1.03 4.42
C ASP A 328 -14.49 0.68 2.93
N GLY A 329 -13.44 1.00 2.17
CA GLY A 329 -13.39 0.72 0.74
C GLY A 329 -14.34 1.57 -0.08
N ARG A 330 -14.84 2.65 0.53
CA ARG A 330 -15.82 3.50 -0.09
C ARG A 330 -15.14 4.78 -0.50
N LEU A 331 -15.63 5.38 -1.60
CA LEU A 331 -15.08 6.62 -2.10
C LEU A 331 -15.80 7.80 -1.45
N GLU A 332 -15.01 8.77 -0.99
CA GLU A 332 -15.50 9.99 -0.36
C GLU A 332 -15.00 11.16 -1.17
N VAL A 333 -15.87 12.15 -1.44
CA VAL A 333 -15.50 13.31 -2.29
C VAL A 333 -15.73 14.62 -1.56
N PHE A 334 -14.69 15.47 -1.53
CA PHE A 334 -14.74 16.71 -0.79
C PHE A 334 -14.74 17.83 -1.79
N ALA A 335 -15.42 18.91 -1.49
CA ALA A 335 -15.47 20.08 -2.35
C ALA A 335 -15.95 21.25 -1.54
N ARG A 336 -15.37 22.42 -1.79
CA ARG A 336 -15.89 23.65 -1.22
C ARG A 336 -17.29 23.98 -1.77
N GLY A 337 -18.11 24.57 -0.89
CA GLY A 337 -19.51 24.93 -1.19
C GLY A 337 -19.74 26.40 -1.46
N THR A 338 -20.99 26.75 -1.72
CA THR A 338 -21.40 28.16 -2.01
C THR A 338 -21.12 29.08 -0.84
N ASP A 339 -21.19 28.54 0.37
CA ASP A 339 -20.82 29.25 1.59
C ASP A 339 -19.32 29.31 1.93
N ASN A 340 -18.47 28.64 1.15
CA ASN A 340 -17.02 28.49 1.43
C ASN A 340 -16.62 27.42 2.52
N ALA A 341 -17.58 26.73 3.10
CA ALA A 341 -17.31 25.55 3.90
C ALA A 341 -16.89 24.37 3.04
N LEU A 342 -16.32 23.35 3.68
CA LEU A 342 -15.95 22.11 2.99
C LEU A 342 -17.13 21.15 3.07
N TRP A 343 -17.55 20.63 1.92
CA TRP A 343 -18.70 19.73 1.88
C TRP A 343 -18.27 18.36 1.36
N LEU A 344 -19.08 17.36 1.74
CA LEU A 344 -18.71 15.98 1.61
C LEU A 344 -19.89 15.10 1.20
N THR A 345 -19.64 14.18 0.26
CA THR A 345 -20.58 13.10 -0.13
C THR A 345 -19.77 11.83 -0.35
N TRP A 346 -20.33 10.68 0.01
CA TRP A 346 -19.64 9.40 -0.14
C TRP A 346 -20.55 8.35 -0.76
N GLN A 347 -19.92 7.33 -1.35
CA GLN A 347 -20.59 6.12 -1.88
C GLN A 347 -21.35 5.37 -0.78
N THR A 348 -22.58 4.98 -1.10
CA THR A 348 -23.42 4.10 -0.27
C THR A 348 -23.51 2.77 -1.00
N ALA A 349 -24.23 1.80 -0.44
CA ALA A 349 -24.45 0.51 -1.11
C ALA A 349 -24.89 0.66 -2.59
N SER A 350 -25.84 1.57 -2.85
CA SER A 350 -26.47 1.79 -4.17
C SER A 350 -26.14 3.14 -4.83
N SER A 351 -26.32 4.22 -4.08
CA SER A 351 -26.31 5.58 -4.56
C SER A 351 -25.11 6.33 -3.91
N TRP A 352 -25.25 7.64 -3.70
CA TRP A 352 -24.30 8.44 -2.97
C TRP A 352 -25.05 9.15 -1.88
N SER A 353 -24.40 9.37 -0.74
CA SER A 353 -25.02 10.06 0.38
C SER A 353 -25.31 11.52 0.03
N PRO A 354 -26.27 12.14 0.74
CA PRO A 354 -26.50 13.57 0.47
C PRO A 354 -25.34 14.45 0.97
N TRP A 355 -25.13 15.59 0.31
CA TRP A 355 -24.05 16.49 0.66
C TRP A 355 -24.25 16.97 2.07
N ILE A 356 -23.16 16.93 2.83
CA ILE A 356 -23.13 17.37 4.22
C ILE A 356 -21.96 18.37 4.39
N SER A 357 -22.13 19.33 5.29
CA SER A 357 -21.14 20.37 5.58
C SER A 357 -20.28 20.03 6.77
N LEU A 358 -18.97 20.04 6.54
CA LEU A 358 -17.95 20.03 7.58
C LEU A 358 -17.59 21.43 8.11
N GLY A 359 -18.28 22.49 7.67
CA GLY A 359 -17.97 23.82 8.13
C GLY A 359 -16.59 24.33 7.68
N GLY A 360 -16.13 25.36 8.38
CA GLY A 360 -14.90 26.01 8.06
C GLY A 360 -15.12 27.04 6.99
N VAL A 361 -14.15 27.89 6.79
CA VAL A 361 -14.17 28.82 5.68
C VAL A 361 -12.85 28.67 4.93
N LEU A 362 -12.89 28.08 3.75
CA LEU A 362 -11.67 27.84 2.98
C LEU A 362 -11.47 28.77 1.78
N ILE A 363 -10.22 29.13 1.52
CA ILE A 363 -9.78 29.84 0.31
C ILE A 363 -8.85 28.99 -0.58
N ASP A 364 -8.80 29.33 -1.86
CA ASP A 364 -7.81 28.85 -2.80
C ASP A 364 -6.48 29.68 -2.72
N ALA A 365 -5.52 29.16 -1.97
CA ALA A 365 -4.18 29.76 -1.87
C ALA A 365 -3.23 29.24 -2.94
N SER A 366 -3.75 28.58 -3.99
CA SER A 366 -2.92 27.94 -5.02
C SER A 366 -1.91 28.90 -5.62
N ALA A 367 -0.63 28.48 -5.60
CA ALA A 367 0.46 29.30 -6.17
C ALA A 367 0.33 29.62 -7.67
N ILE A 368 -0.35 28.73 -8.42
CA ILE A 368 -0.67 28.90 -9.83
C ILE A 368 -2.18 28.68 -9.97
N LYS A 369 -2.86 29.66 -10.55
CA LYS A 369 -4.28 29.56 -10.92
C LYS A 369 -4.48 29.80 -12.43
N THR B 26 6.07 -29.90 17.26
CA THR B 26 4.85 -30.01 16.38
C THR B 26 4.05 -28.70 16.26
N ILE B 27 3.47 -28.51 15.07
CA ILE B 27 2.60 -27.38 14.75
C ILE B 27 1.60 -27.86 13.70
N ALA B 28 0.40 -27.30 13.74
CA ALA B 28 -0.62 -27.52 12.70
C ALA B 28 -0.03 -27.50 11.29
N LEU B 29 -0.67 -28.24 10.39
CA LEU B 29 -0.19 -28.38 9.02
C LEU B 29 -0.03 -27.01 8.32
N SER B 30 1.16 -26.80 7.81
CA SER B 30 1.56 -25.55 7.18
C SER B 30 0.94 -25.35 5.82
N GLU B 31 1.09 -24.12 5.36
CA GLU B 31 0.81 -23.71 4.00
C GLU B 31 1.87 -24.28 3.05
N ILE B 32 1.41 -24.82 1.91
CA ILE B 32 2.27 -25.41 0.87
C ILE B 32 3.02 -24.37 0.01
N VAL B 33 2.46 -23.16 -0.15
CA VAL B 33 3.06 -22.12 -0.98
C VAL B 33 3.07 -20.72 -0.37
N SER B 34 4.03 -19.93 -0.85
CA SER B 34 4.13 -18.50 -0.60
C SER B 34 3.63 -17.73 -1.81
N VAL B 35 2.74 -16.77 -1.58
CA VAL B 35 2.04 -16.03 -2.67
C VAL B 35 2.17 -14.51 -2.51
N VAL B 36 2.19 -13.80 -3.63
CA VAL B 36 2.36 -12.36 -3.62
C VAL B 36 1.53 -11.78 -4.77
N ASN B 37 0.90 -10.63 -4.55
CA ASN B 37 0.29 -9.79 -5.59
C ASN B 37 1.42 -8.90 -6.12
N THR B 38 1.89 -9.15 -7.35
CA THR B 38 3.06 -8.47 -7.92
C THR B 38 2.79 -6.99 -8.28
N SER B 39 3.86 -6.27 -8.59
CA SER B 39 3.76 -4.82 -8.88
C SER B 39 2.92 -4.48 -10.14
N ASP B 40 2.76 -5.47 -11.03
CA ASP B 40 1.80 -5.38 -12.13
C ASP B 40 0.46 -6.11 -11.89
N GLY B 41 0.14 -6.39 -10.63
CA GLY B 41 -1.18 -6.91 -10.27
C GLY B 41 -1.48 -8.35 -10.61
N ARG B 42 -0.44 -9.19 -10.71
CA ARG B 42 -0.59 -10.62 -11.00
C ARG B 42 -0.29 -11.40 -9.75
N LEU B 43 -1.07 -12.43 -9.46
CA LEU B 43 -0.74 -13.35 -8.37
C LEU B 43 0.36 -14.23 -8.89
N GLU B 44 1.22 -14.63 -7.97
CA GLU B 44 2.34 -15.48 -8.32
C GLU B 44 2.66 -16.35 -7.11
N VAL B 45 2.69 -17.67 -7.29
CA VAL B 45 2.82 -18.64 -6.19
C VAL B 45 4.14 -19.40 -6.27
N PHE B 46 4.70 -19.68 -5.11
CA PHE B 46 5.99 -20.34 -5.01
C PHE B 46 5.85 -21.51 -4.05
N GLY B 47 6.41 -22.65 -4.43
CA GLY B 47 6.38 -23.87 -3.62
C GLY B 47 7.57 -24.78 -3.92
N VAL B 48 7.62 -25.90 -3.22
CA VAL B 48 8.71 -26.88 -3.43
C VAL B 48 8.21 -28.11 -4.22
N GLY B 49 9.04 -28.52 -5.17
CA GLY B 49 8.74 -29.67 -6.05
C GLY B 49 9.27 -30.97 -5.46
N THR B 50 8.92 -32.09 -6.07
CA THR B 50 9.37 -33.40 -5.58
C THR B 50 10.86 -33.52 -5.63
N ASP B 51 11.44 -32.83 -6.61
CA ASP B 51 12.91 -32.68 -6.76
C ASP B 51 13.65 -31.82 -5.72
N LYS B 52 12.91 -31.21 -4.78
CA LYS B 52 13.44 -30.31 -3.71
C LYS B 52 13.74 -28.87 -4.19
N ALA B 53 13.45 -28.58 -5.48
CA ALA B 53 13.66 -27.26 -6.11
C ALA B 53 12.45 -26.36 -5.93
N VAL B 54 12.67 -25.05 -6.06
CA VAL B 54 11.57 -24.07 -5.95
C VAL B 54 10.94 -23.93 -7.31
N TRP B 55 9.62 -23.97 -7.36
CA TRP B 55 8.84 -23.82 -8.57
C TRP B 55 7.83 -22.70 -8.38
N HIS B 56 7.46 -22.04 -9.47
CA HIS B 56 6.53 -20.94 -9.39
C HIS B 56 5.55 -20.93 -10.53
N ASN B 57 4.46 -20.24 -10.24
CA ASN B 57 3.34 -20.17 -11.14
C ASN B 57 2.74 -18.78 -11.05
N ARG B 58 2.62 -18.07 -12.17
CA ARG B 58 1.98 -16.73 -12.17
C ARG B 58 0.78 -16.54 -13.09
N GLN B 59 -0.12 -15.63 -12.72
CA GLN B 59 -1.19 -15.24 -13.64
C GLN B 59 -0.66 -14.48 -14.85
N MET B 60 -1.30 -14.71 -15.98
CA MET B 60 -1.01 -13.95 -17.19
C MET B 60 -1.56 -12.53 -17.13
N ALA B 61 -2.79 -12.43 -16.63
CA ALA B 61 -3.55 -11.20 -16.64
C ALA B 61 -3.93 -10.81 -15.21
N PRO B 62 -4.00 -9.49 -14.96
CA PRO B 62 -4.16 -9.00 -13.57
C PRO B 62 -5.65 -9.01 -13.17
N HIS B 63 -6.22 -10.22 -13.14
CA HIS B 63 -7.65 -10.40 -12.90
C HIS B 63 -7.90 -11.74 -12.26
N THR B 64 -8.96 -11.79 -11.46
CA THR B 64 -9.60 -13.02 -11.04
C THR B 64 -9.94 -13.88 -12.24
N GLY B 65 -9.43 -15.11 -12.21
CA GLY B 65 -9.76 -16.13 -13.22
C GLY B 65 -8.84 -16.17 -14.41
N SER B 66 -7.84 -15.27 -14.43
CA SER B 66 -6.78 -15.27 -15.44
C SER B 66 -6.19 -16.63 -15.63
N PRO B 67 -5.82 -16.96 -16.89
CA PRO B 67 -5.03 -18.16 -17.12
C PRO B 67 -3.70 -18.09 -16.40
N TRP B 68 -3.20 -19.27 -16.01
CA TRP B 68 -1.90 -19.39 -15.38
C TRP B 68 -0.77 -19.82 -16.35
N SER B 69 0.46 -19.55 -15.92
CA SER B 69 1.64 -19.75 -16.71
C SER B 69 1.90 -21.22 -16.85
N GLY B 70 1.62 -21.95 -15.76
CA GLY B 70 2.16 -23.25 -15.52
C GLY B 70 3.38 -23.18 -14.61
N TRP B 71 3.71 -24.33 -14.01
CA TRP B 71 4.83 -24.48 -13.12
C TRP B 71 6.15 -24.45 -13.91
N SER B 72 7.13 -23.73 -13.40
CA SER B 72 8.45 -23.63 -14.00
C SER B 72 9.43 -23.55 -12.86
N SER B 73 10.67 -23.94 -13.11
CA SER B 73 11.60 -24.18 -12.03
C SER B 73 12.52 -23.03 -11.88
N LEU B 74 12.73 -22.63 -10.63
CA LEU B 74 13.80 -21.67 -10.29
C LEU B 74 15.04 -22.38 -9.82
N LYS B 75 14.97 -23.71 -9.80
CA LYS B 75 16.07 -24.59 -9.38
C LYS B 75 16.30 -24.39 -7.88
N GLY B 76 17.55 -24.39 -7.45
CA GLY B 76 17.86 -24.56 -6.04
C GLY B 76 17.49 -25.93 -5.49
N GLN B 77 17.99 -26.19 -4.28
CA GLN B 77 17.66 -27.35 -3.47
C GLN B 77 17.40 -26.85 -2.06
N VAL B 78 16.13 -26.79 -1.67
CA VAL B 78 15.71 -26.10 -0.47
C VAL B 78 15.27 -27.07 0.59
N THR B 79 15.44 -26.66 1.85
CA THR B 79 15.13 -27.44 3.06
C THR B 79 14.24 -26.64 4.06
N SER B 80 13.47 -25.72 3.49
CA SER B 80 12.48 -24.93 4.22
C SER B 80 11.46 -24.53 3.18
N LYS B 81 10.32 -24.05 3.64
CA LYS B 81 9.37 -23.40 2.78
C LYS B 81 10.13 -22.23 2.12
N PRO B 82 9.93 -22.01 0.81
CA PRO B 82 10.49 -20.81 0.20
C PRO B 82 9.52 -19.65 0.40
N VAL B 83 10.05 -18.48 0.76
CA VAL B 83 9.18 -17.32 1.01
C VAL B 83 9.51 -16.15 0.09
N VAL B 84 8.50 -15.71 -0.65
CA VAL B 84 8.65 -14.59 -1.54
C VAL B 84 8.31 -13.30 -0.80
N TYR B 85 9.07 -12.26 -1.13
CA TYR B 85 8.76 -10.88 -0.74
C TYR B 85 9.00 -9.90 -1.90
N ILE B 86 8.15 -8.86 -1.97
CA ILE B 86 8.28 -7.77 -2.95
C ILE B 86 9.15 -6.71 -2.30
N ASN B 87 10.32 -6.47 -2.90
CA ASN B 87 11.16 -5.30 -2.58
C ASN B 87 10.41 -4.01 -2.91
N THR B 88 10.87 -2.92 -2.33
CA THR B 88 10.16 -1.67 -2.46
C THR B 88 10.30 -1.06 -3.85
N ASP B 89 11.19 -1.60 -4.68
CA ASP B 89 11.26 -1.25 -6.10
C ASP B 89 10.47 -2.21 -7.02
N GLY B 90 9.63 -3.05 -6.42
CA GLY B 90 8.80 -4.01 -7.15
C GLY B 90 9.35 -5.41 -7.44
N ARG B 91 10.64 -5.65 -7.23
CA ARG B 91 11.30 -6.88 -7.65
C ARG B 91 11.16 -7.94 -6.59
N LEU B 92 10.67 -9.10 -7.00
CA LEU B 92 10.50 -10.24 -6.11
C LEU B 92 11.84 -10.88 -5.75
N GLU B 93 11.86 -11.42 -4.55
CA GLU B 93 12.99 -12.02 -3.98
C GLU B 93 12.52 -13.17 -3.09
N VAL B 94 13.07 -14.36 -3.35
CA VAL B 94 12.68 -15.60 -2.68
C VAL B 94 13.78 -16.01 -1.73
N PHE B 95 13.37 -16.35 -0.53
CA PHE B 95 14.25 -16.79 0.54
C PHE B 95 13.86 -18.22 0.91
N ALA B 96 14.88 -19.06 1.09
CA ALA B 96 14.70 -20.46 1.49
C ALA B 96 15.97 -20.96 2.12
N ARG B 97 15.84 -21.85 3.11
CA ARG B 97 16.99 -22.56 3.66
C ARG B 97 17.52 -23.56 2.63
N GLY B 98 18.84 -23.69 2.59
CA GLY B 98 19.52 -24.56 1.62
C GLY B 98 19.96 -25.89 2.20
N THR B 99 20.61 -26.73 1.40
CA THR B 99 21.07 -28.04 1.87
C THR B 99 22.17 -27.94 2.92
N ASP B 100 22.96 -26.86 2.88
CA ASP B 100 23.93 -26.53 3.96
C ASP B 100 23.37 -25.82 5.22
N ASN B 101 22.03 -25.68 5.27
CA ASN B 101 21.30 -25.01 6.39
C ASN B 101 21.51 -23.48 6.54
N ALA B 102 22.24 -22.87 5.59
CA ALA B 102 22.35 -21.43 5.42
C ALA B 102 21.12 -20.85 4.73
N LEU B 103 21.01 -19.53 4.77
CA LEU B 103 19.97 -18.83 4.10
C LEU B 103 20.47 -18.49 2.71
N TRP B 104 19.61 -18.74 1.73
CA TRP B 104 19.94 -18.50 0.33
C TRP B 104 18.81 -17.67 -0.25
N HIS B 105 19.08 -17.01 -1.36
CA HIS B 105 18.10 -16.24 -2.03
C HIS B 105 18.37 -16.08 -3.51
N ILE B 106 17.30 -15.69 -4.17
CA ILE B 106 17.24 -15.49 -5.58
C ILE B 106 16.22 -14.36 -5.79
N TRP B 107 16.49 -13.47 -6.74
CA TRP B 107 15.71 -12.22 -6.93
C TRP B 107 15.55 -11.85 -8.40
N GLN B 108 14.46 -11.15 -8.74
CA GLN B 108 14.32 -10.66 -10.11
C GLN B 108 15.38 -9.56 -10.32
N THR B 109 15.99 -9.55 -11.52
CA THR B 109 16.98 -8.52 -11.90
C THR B 109 16.30 -7.19 -12.24
N ALA B 110 15.05 -7.29 -12.68
CA ALA B 110 14.16 -6.16 -12.81
C ALA B 110 12.73 -6.71 -12.72
N THR B 111 11.75 -5.82 -12.61
CA THR B 111 10.39 -6.19 -12.31
C THR B 111 9.72 -7.11 -13.35
N ASN B 112 10.00 -6.88 -14.62
CA ASN B 112 9.46 -7.71 -15.69
C ASN B 112 10.63 -8.34 -16.48
N ALA B 113 11.58 -8.90 -15.73
CA ALA B 113 12.76 -9.54 -16.30
C ALA B 113 13.04 -10.86 -15.55
N GLY B 114 14.18 -11.47 -15.85
CA GLY B 114 14.55 -12.76 -15.33
C GLY B 114 15.01 -12.71 -13.90
N TRP B 115 15.67 -13.79 -13.51
CA TRP B 115 16.16 -13.98 -12.15
C TRP B 115 17.67 -14.07 -12.09
N SER B 116 18.17 -13.80 -10.89
CA SER B 116 19.56 -13.97 -10.55
C SER B 116 19.85 -15.44 -10.37
N ASN B 117 21.11 -15.71 -10.07
CA ASN B 117 21.51 -16.99 -9.62
C ASN B 117 21.15 -17.07 -8.17
N TRP B 118 20.86 -18.28 -7.69
CA TRP B 118 20.73 -18.51 -6.26
C TRP B 118 22.01 -18.01 -5.63
N GLN B 119 21.93 -17.35 -4.49
CA GLN B 119 23.11 -16.83 -3.82
C GLN B 119 22.98 -17.03 -2.30
N SER B 120 24.10 -17.23 -1.61
CA SER B 120 24.08 -17.57 -0.18
C SER B 120 24.30 -16.40 0.74
N LEU B 121 23.55 -16.37 1.82
CA LEU B 121 23.75 -15.35 2.86
C LEU B 121 24.38 -15.94 4.13
N GLY B 122 24.94 -17.14 4.02
CA GLY B 122 25.57 -17.76 5.16
C GLY B 122 24.60 -18.05 6.30
N GLY B 123 25.13 -18.10 7.52
CA GLY B 123 24.38 -18.51 8.70
C GLY B 123 24.00 -20.01 8.69
N VAL B 124 23.48 -20.47 9.82
CA VAL B 124 22.93 -21.81 9.95
C VAL B 124 21.60 -21.61 10.64
N ILE B 125 20.52 -22.02 9.99
CA ILE B 125 19.17 -21.76 10.48
C ILE B 125 18.29 -22.99 10.60
N THR B 126 17.25 -22.82 11.40
CA THR B 126 16.40 -23.94 11.86
C THR B 126 14.92 -23.68 11.73
N SER B 127 14.55 -22.71 10.89
CA SER B 127 13.16 -22.43 10.60
C SER B 127 13.03 -21.90 9.18
N ASN B 128 11.79 -21.65 8.78
CA ASN B 128 11.54 -20.91 7.56
C ASN B 128 11.99 -19.44 7.80
N PRO B 129 12.44 -18.75 6.75
CA PRO B 129 12.79 -17.33 6.89
C PRO B 129 11.53 -16.49 6.91
N ALA B 130 11.53 -15.43 7.73
CA ALA B 130 10.44 -14.42 7.75
C ALA B 130 11.00 -13.07 7.33
N ILE B 131 10.29 -12.41 6.42
CA ILE B 131 10.84 -11.23 5.75
C ILE B 131 9.90 -10.04 5.89
N TYR B 132 10.49 -8.87 6.13
CA TYR B 132 9.78 -7.61 6.02
C TYR B 132 10.72 -6.52 5.60
N ALA B 133 10.20 -5.53 4.87
CA ALA B 133 10.96 -4.31 4.49
C ALA B 133 10.85 -3.30 5.63
N ASN B 134 11.99 -2.85 6.14
CA ASN B 134 12.00 -1.69 7.00
C ASN B 134 11.45 -0.43 6.24
N THR B 135 11.25 0.66 6.98
CA THR B 135 10.72 1.92 6.38
C THR B 135 11.70 2.55 5.41
N ASP B 136 12.96 2.18 5.55
CA ASP B 136 13.98 2.63 4.64
C ASP B 136 14.21 1.73 3.42
N GLY B 137 13.31 0.77 3.20
CA GLY B 137 13.44 -0.14 2.07
C GLY B 137 14.44 -1.26 2.24
N ARG B 138 15.17 -1.30 3.35
CA ARG B 138 16.07 -2.42 3.62
C ARG B 138 15.24 -3.61 4.05
N LEU B 139 15.29 -4.70 3.24
CA LEU B 139 14.67 -5.97 3.68
C LEU B 139 15.42 -6.49 4.88
N GLU B 140 14.65 -6.98 5.86
CA GLU B 140 15.18 -7.64 7.04
C GLU B 140 14.62 -9.06 7.19
N VAL B 141 15.55 -10.02 7.36
CA VAL B 141 15.23 -11.46 7.41
C VAL B 141 15.43 -11.99 8.84
N PHE B 142 14.43 -12.70 9.30
CA PHE B 142 14.39 -13.27 10.61
C PHE B 142 14.34 -14.77 10.45
N ALA B 143 15.11 -15.48 11.25
CA ALA B 143 15.09 -16.95 11.24
C ALA B 143 15.62 -17.56 12.53
N ARG B 144 15.14 -18.76 12.85
CA ARG B 144 15.63 -19.44 14.04
C ARG B 144 17.03 -19.99 13.85
N GLY B 145 17.80 -19.96 14.95
CA GLY B 145 19.22 -20.42 14.95
C GLY B 145 19.38 -21.85 15.44
N ALA B 146 20.61 -22.37 15.39
CA ALA B 146 20.88 -23.71 15.98
C ALA B 146 20.63 -23.72 17.49
N ASP B 147 21.04 -22.64 18.13
CA ASP B 147 20.74 -22.39 19.53
C ASP B 147 19.24 -22.17 19.86
N ASN B 148 18.38 -22.19 18.84
CA ASN B 148 16.93 -21.91 19.00
C ASN B 148 16.52 -20.49 19.39
N ALA B 149 17.45 -19.54 19.28
CA ALA B 149 17.14 -18.10 19.30
C ALA B 149 16.63 -17.57 17.94
N LEU B 150 16.07 -16.37 17.98
CA LEU B 150 15.72 -15.58 16.78
C LEU B 150 16.92 -14.76 16.36
N TRP B 151 17.38 -15.00 15.15
CA TRP B 151 18.47 -14.27 14.54
C TRP B 151 17.92 -13.44 13.42
N HIS B 152 18.66 -12.39 13.07
CA HIS B 152 18.31 -11.55 11.94
C HIS B 152 19.50 -10.96 11.17
N ILE B 153 19.24 -10.69 9.90
CA ILE B 153 20.20 -10.15 8.95
C ILE B 153 19.41 -9.19 8.04
N SER B 154 20.08 -8.18 7.46
CA SER B 154 19.38 -7.20 6.61
C SER B 154 20.19 -6.61 5.43
N GLN B 155 19.48 -6.09 4.42
CA GLN B 155 20.09 -5.31 3.33
C GLN B 155 20.74 -4.07 3.97
N THR B 156 21.91 -3.68 3.48
CA THR B 156 22.63 -2.46 3.96
C THR B 156 22.10 -1.14 3.39
N THR B 157 21.55 -1.19 2.18
CA THR B 157 20.79 -0.10 1.57
C THR B 157 19.50 -0.66 0.94
N ALA B 158 18.63 0.23 0.49
CA ALA B 158 17.30 -0.16 0.06
C ALA B 158 17.33 -1.15 -1.10
N HIS B 159 16.55 -2.25 -0.97
CA HIS B 159 16.33 -3.25 -2.02
C HIS B 159 17.62 -3.70 -2.72
N SER B 160 18.67 -3.96 -1.93
CA SER B 160 19.96 -4.23 -2.52
C SER B 160 20.95 -4.78 -1.56
N GLY B 161 21.79 -5.68 -2.07
CA GLY B 161 23.00 -6.10 -1.36
C GLY B 161 24.06 -5.00 -1.37
N PRO B 162 25.15 -5.15 -0.62
CA PRO B 162 25.42 -6.32 0.23
C PRO B 162 24.58 -6.30 1.50
N TRP B 163 24.59 -7.44 2.22
CA TRP B 163 23.84 -7.59 3.46
C TRP B 163 24.72 -7.42 4.68
N SER B 164 24.08 -7.24 5.83
CA SER B 164 24.75 -7.00 7.09
C SER B 164 25.32 -8.31 7.56
N SER B 165 25.96 -8.28 8.73
CA SER B 165 26.27 -9.53 9.41
C SER B 165 25.01 -10.03 10.12
N TRP B 166 24.91 -11.35 10.29
CA TRP B 166 23.89 -11.94 11.15
C TRP B 166 24.15 -11.49 12.56
N ALA B 167 23.08 -11.36 13.35
CA ALA B 167 23.18 -11.12 14.77
C ALA B 167 21.96 -11.74 15.41
N SER B 168 21.97 -11.94 16.74
CA SER B 168 20.85 -12.58 17.44
C SER B 168 20.03 -11.63 18.27
N LEU B 169 18.73 -11.93 18.33
CA LEU B 169 17.75 -11.30 19.20
C LEU B 169 17.35 -12.24 20.37
N ASN B 170 18.17 -13.29 20.57
CA ASN B 170 18.06 -14.15 21.74
C ASN B 170 16.71 -14.80 21.75
N GLY B 171 16.24 -15.25 22.88
CA GLY B 171 15.00 -16.00 22.93
C GLY B 171 15.23 -17.51 22.74
N VAL B 172 14.18 -18.26 23.03
CA VAL B 172 14.15 -19.69 22.76
C VAL B 172 12.78 -19.96 22.23
N ILE B 173 12.72 -20.22 20.93
CA ILE B 173 11.48 -20.32 20.21
C ILE B 173 11.29 -21.71 19.60
N THR B 174 10.01 -22.10 19.48
CA THR B 174 9.58 -23.44 19.15
C THR B 174 8.62 -23.48 17.94
N SER B 175 8.48 -22.35 17.25
CA SER B 175 7.72 -22.31 16.00
C SER B 175 8.51 -21.54 14.96
N ASN B 176 7.98 -21.51 13.75
CA ASN B 176 8.53 -20.62 12.76
C ASN B 176 8.15 -19.20 13.19
N PRO B 177 9.07 -18.22 12.98
CA PRO B 177 8.72 -16.86 13.39
C PRO B 177 7.89 -16.17 12.33
N THR B 178 7.15 -15.16 12.75
CA THR B 178 6.41 -14.30 11.84
C THR B 178 6.64 -12.82 12.21
N VAL B 179 6.83 -12.01 11.18
CA VAL B 179 7.20 -10.61 11.34
C VAL B 179 6.20 -9.76 10.60
N HIS B 180 5.92 -8.59 11.16
CA HIS B 180 5.06 -7.59 10.53
C HIS B 180 5.46 -6.19 11.00
N ILE B 181 5.29 -5.20 10.11
CA ILE B 181 5.62 -3.81 10.44
C ILE B 181 4.42 -3.20 11.14
N ASN B 182 4.71 -2.43 12.19
CA ASN B 182 3.69 -1.64 12.85
C ASN B 182 3.32 -0.42 11.97
N SER B 183 2.14 0.14 12.23
CA SER B 183 1.74 1.38 11.59
C SER B 183 2.66 2.60 11.90
N ASP B 184 3.61 2.48 12.83
CA ASP B 184 4.63 3.52 13.03
C ASP B 184 5.99 3.13 12.50
N GLY B 185 6.06 2.12 11.66
CA GLY B 185 7.30 1.64 11.11
C GLY B 185 8.17 0.72 11.93
N ARG B 186 7.77 0.33 13.13
CA ARG B 186 8.59 -0.57 13.91
C ARG B 186 8.27 -2.00 13.49
N LEU B 187 9.30 -2.75 13.08
CA LEU B 187 9.13 -4.20 12.85
C LEU B 187 8.85 -4.88 14.17
N GLU B 188 8.02 -5.91 14.10
CA GLU B 188 7.67 -6.70 15.26
C GLU B 188 7.58 -8.20 14.91
N VAL B 189 8.23 -9.03 15.75
CA VAL B 189 8.36 -10.44 15.45
C VAL B 189 7.68 -11.31 16.48
N PHE B 190 6.98 -12.31 15.99
CA PHE B 190 6.24 -13.25 16.80
C PHE B 190 6.69 -14.68 16.57
N ALA B 191 6.72 -15.45 17.67
CA ALA B 191 7.00 -16.89 17.65
C ALA B 191 6.50 -17.56 18.94
N ARG B 192 6.15 -18.83 18.84
CA ARG B 192 5.87 -19.63 20.03
C ARG B 192 7.11 -19.83 20.93
N GLY B 193 6.93 -19.70 22.23
CA GLY B 193 8.02 -19.96 23.21
C GLY B 193 8.07 -21.40 23.75
N THR B 194 8.83 -21.61 24.81
CA THR B 194 9.05 -22.96 25.38
C THR B 194 7.91 -23.34 26.31
N ASP B 195 7.18 -22.35 26.81
CA ASP B 195 5.92 -22.58 27.58
C ASP B 195 4.67 -22.75 26.67
N ASN B 196 4.91 -22.77 25.36
CA ASN B 196 3.91 -22.76 24.30
C ASN B 196 3.05 -21.50 24.16
N ALA B 197 3.41 -20.42 24.86
CA ALA B 197 2.76 -19.13 24.70
C ALA B 197 3.23 -18.45 23.41
N LEU B 198 2.47 -17.44 22.99
CA LEU B 198 2.83 -16.55 21.89
C LEU B 198 3.71 -15.51 22.54
N TRP B 199 4.95 -15.40 22.06
CA TRP B 199 5.90 -14.38 22.52
C TRP B 199 6.19 -13.39 21.40
N HIS B 200 6.59 -12.18 21.80
CA HIS B 200 6.93 -11.17 20.79
C HIS B 200 8.06 -10.24 21.20
N ILE B 201 8.65 -9.62 20.17
CA ILE B 201 9.78 -8.72 20.31
C ILE B 201 9.69 -7.70 19.17
N TRP B 202 10.18 -6.48 19.39
CA TRP B 202 9.92 -5.38 18.48
C TRP B 202 11.01 -4.33 18.47
N GLN B 203 11.20 -3.74 17.31
CA GLN B 203 11.97 -2.50 17.19
C GLN B 203 11.44 -1.39 18.09
N THR B 204 12.35 -0.67 18.74
CA THR B 204 12.04 0.55 19.49
C THR B 204 12.12 1.82 18.64
N ALA B 205 12.58 1.69 17.39
CA ALA B 205 12.58 2.78 16.41
C ALA B 205 12.65 2.13 15.04
N PRO B 206 12.05 2.74 14.01
CA PRO B 206 12.08 2.17 12.68
C PRO B 206 13.51 2.03 12.18
N ASP B 207 13.76 1.08 11.30
CA ASP B 207 15.08 0.88 10.70
C ASP B 207 16.21 0.60 11.75
N SER B 208 15.85 0.41 13.01
CA SER B 208 16.80 0.31 14.10
C SER B 208 17.35 -1.13 14.29
N ASN B 209 18.50 -1.20 14.92
CA ASN B 209 19.02 -2.41 15.53
C ASN B 209 18.77 -2.45 17.06
N LEU B 210 17.89 -1.61 17.57
CA LEU B 210 17.57 -1.61 19.00
C LEU B 210 16.17 -2.18 19.18
N TRP B 211 16.11 -3.30 19.89
CA TRP B 211 14.89 -4.06 20.08
C TRP B 211 14.52 -4.12 21.55
N SER B 212 13.24 -4.37 21.80
CA SER B 212 12.78 -4.57 23.13
C SER B 212 13.35 -5.87 23.70
N SER B 213 12.97 -6.15 24.95
CA SER B 213 13.09 -7.52 25.48
C SER B 213 12.00 -8.38 24.88
N TRP B 214 12.11 -9.70 25.04
CA TRP B 214 11.01 -10.61 24.70
C TRP B 214 9.90 -10.49 25.77
N GLU B 215 8.67 -10.45 25.32
CA GLU B 215 7.48 -10.37 26.17
C GLU B 215 6.49 -11.45 25.73
N SER B 216 5.82 -12.05 26.73
CA SER B 216 4.87 -13.10 26.51
C SER B 216 3.56 -12.43 26.27
N LEU B 217 2.79 -12.92 25.30
CA LEU B 217 1.35 -12.63 25.25
C LEU B 217 0.53 -13.84 25.73
N ASN B 218 1.16 -14.77 26.44
CA ASN B 218 0.44 -15.90 27.07
C ASN B 218 -0.27 -16.76 26.02
N GLY B 219 -1.41 -17.32 26.39
CA GLY B 219 -2.04 -18.36 25.57
C GLY B 219 -1.26 -19.67 25.45
N ILE B 220 -1.87 -20.59 24.73
CA ILE B 220 -1.24 -21.83 24.33
C ILE B 220 -1.52 -21.93 22.83
N ILE B 221 -0.47 -22.00 22.02
CA ILE B 221 -0.66 -22.13 20.58
C ILE B 221 -0.04 -23.37 19.96
N THR B 222 -0.76 -23.90 18.98
CA THR B 222 -0.51 -25.16 18.31
C THR B 222 -0.40 -24.93 16.78
N SER B 223 -0.12 -23.69 16.34
CA SER B 223 0.32 -23.39 14.94
C SER B 223 1.31 -22.26 14.93
N ASP B 224 1.89 -22.00 13.76
CA ASP B 224 2.59 -20.74 13.51
C ASP B 224 1.63 -19.56 13.73
N PRO B 225 2.15 -18.42 14.26
CA PRO B 225 1.32 -17.21 14.24
C PRO B 225 1.16 -16.70 12.84
N VAL B 226 -0.01 -16.17 12.56
CA VAL B 226 -0.26 -15.42 11.33
C VAL B 226 -0.53 -14.01 11.82
N VAL B 227 0.15 -13.03 11.24
CA VAL B 227 0.05 -11.63 11.68
C VAL B 227 -0.51 -10.70 10.57
N ILE B 228 -1.36 -9.77 10.98
CA ILE B 228 -2.07 -8.84 10.11
C ILE B 228 -2.00 -7.44 10.73
N ASP B 229 -1.84 -6.44 9.87
CA ASP B 229 -2.02 -5.02 10.25
C ASP B 229 -3.48 -4.69 9.87
N THR B 230 -4.30 -4.30 10.84
CA THR B 230 -5.66 -3.90 10.53
C THR B 230 -5.65 -2.58 9.75
N ALA B 231 -6.79 -2.29 9.13
CA ALA B 231 -7.10 -0.95 8.63
C ALA B 231 -6.89 0.18 9.65
N ASP B 232 -7.13 -0.08 10.94
CA ASP B 232 -6.92 0.96 11.97
C ASP B 232 -5.55 0.93 12.66
N GLY B 233 -4.61 0.26 12.01
CA GLY B 233 -3.21 0.32 12.38
C GLY B 233 -2.75 -0.50 13.57
N ARG B 234 -3.46 -1.60 13.86
CA ARG B 234 -3.14 -2.47 15.00
C ARG B 234 -2.75 -3.88 14.50
N LEU B 235 -1.68 -4.42 15.06
CA LEU B 235 -1.29 -5.79 14.82
C LEU B 235 -2.28 -6.75 15.47
N GLU B 236 -2.74 -7.74 14.69
CA GLU B 236 -3.64 -8.79 15.15
C GLU B 236 -2.98 -10.09 14.81
N VAL B 237 -2.81 -10.94 15.83
CA VAL B 237 -2.21 -12.25 15.63
C VAL B 237 -3.29 -13.33 15.65
N PHE B 238 -3.18 -14.27 14.70
CA PHE B 238 -4.08 -15.41 14.60
C PHE B 238 -3.31 -16.68 14.91
N ALA B 239 -3.94 -17.63 15.60
CA ALA B 239 -3.30 -18.92 15.84
C ALA B 239 -4.30 -19.98 16.24
N ARG B 240 -3.92 -21.23 15.99
CA ARG B 240 -4.65 -22.37 16.55
C ARG B 240 -4.33 -22.52 18.04
N GLY B 241 -5.38 -22.79 18.83
CA GLY B 241 -5.25 -23.04 20.24
C GLY B 241 -5.10 -24.51 20.62
N ALA B 242 -5.15 -24.75 21.92
CA ALA B 242 -5.05 -26.10 22.51
C ALA B 242 -6.34 -26.87 22.22
N ASP B 243 -7.48 -26.16 22.25
CA ASP B 243 -8.78 -26.74 21.83
C ASP B 243 -8.96 -26.89 20.31
N ASN B 244 -7.90 -26.63 19.55
CA ASN B 244 -7.93 -26.57 18.10
C ASN B 244 -8.93 -25.58 17.49
N ALA B 245 -9.37 -24.58 18.28
CA ALA B 245 -10.16 -23.47 17.74
C ALA B 245 -9.21 -22.43 17.18
N LEU B 246 -9.77 -21.47 16.46
CA LEU B 246 -8.99 -20.35 15.91
C LEU B 246 -9.17 -19.19 16.85
N TRP B 247 -8.04 -18.76 17.42
CA TRP B 247 -7.96 -17.69 18.39
C TRP B 247 -7.18 -16.52 17.82
N HIS B 248 -7.43 -15.34 18.38
CA HIS B 248 -6.77 -14.13 17.94
C HIS B 248 -6.66 -13.12 19.08
N ILE B 249 -5.61 -12.32 19.00
CA ILE B 249 -5.22 -11.35 20.01
C ILE B 249 -4.70 -10.12 19.26
N TRP B 250 -4.97 -8.92 19.79
CA TRP B 250 -4.56 -7.67 19.10
C TRP B 250 -4.02 -6.60 20.01
N GLN B 251 -3.24 -5.74 19.41
CA GLN B 251 -2.97 -4.43 19.94
C GLN B 251 -4.28 -3.66 20.09
N THR B 252 -4.46 -3.01 21.26
CA THR B 252 -5.66 -2.24 21.52
C THR B 252 -5.64 -0.79 20.96
N ILE B 253 -4.42 -0.31 20.69
CA ILE B 253 -4.17 1.03 20.20
C ILE B 253 -3.21 0.88 19.03
N SER B 254 -3.32 1.77 18.03
CA SER B 254 -2.47 1.74 16.84
C SER B 254 -1.01 1.66 17.28
N HIS B 255 -0.29 0.68 16.73
CA HIS B 255 1.12 0.38 17.07
C HIS B 255 1.46 0.54 18.55
N SER B 256 0.56 0.06 19.42
CA SER B 256 0.81 0.15 20.83
C SER B 256 0.08 -0.87 21.69
N GLY B 257 0.75 -1.25 22.77
CA GLY B 257 0.11 -1.92 23.88
C GLY B 257 -0.88 -0.94 24.55
N PRO B 258 -1.73 -1.45 25.44
CA PRO B 258 -1.67 -2.84 25.88
C PRO B 258 -2.34 -3.73 24.87
N TRP B 259 -2.04 -5.02 24.97
CA TRP B 259 -2.70 -5.97 24.11
C TRP B 259 -4.04 -6.36 24.71
N SER B 260 -4.87 -6.95 23.85
CA SER B 260 -6.13 -7.54 24.25
C SER B 260 -5.82 -8.88 24.92
N GLY B 261 -6.88 -9.49 25.42
CA GLY B 261 -6.80 -10.87 25.79
C GLY B 261 -7.08 -11.70 24.57
N TRP B 262 -6.66 -12.96 24.67
CA TRP B 262 -7.07 -14.00 23.75
C TRP B 262 -8.59 -14.20 23.69
N GLN B 263 -9.09 -14.34 22.46
CA GLN B 263 -10.48 -14.42 22.11
C GLN B 263 -10.61 -15.51 21.04
N SER B 264 -11.60 -16.36 21.20
CA SER B 264 -11.76 -17.50 20.33
C SER B 264 -12.67 -17.07 19.19
N LEU B 265 -12.31 -17.47 17.98
CA LEU B 265 -13.18 -17.38 16.84
C LEU B 265 -13.86 -18.73 16.58
N ASN B 266 -13.70 -19.68 17.52
CA ASN B 266 -14.32 -21.02 17.41
C ASN B 266 -13.77 -21.77 16.21
N GLY B 267 -14.44 -22.86 15.83
CA GLY B 267 -13.98 -23.72 14.76
C GLY B 267 -13.16 -24.81 15.40
N VAL B 268 -12.94 -25.86 14.62
CA VAL B 268 -11.99 -26.91 15.00
C VAL B 268 -11.19 -27.12 13.71
N ILE B 269 -9.91 -26.80 13.73
CA ILE B 269 -9.12 -26.73 12.50
C ILE B 269 -7.96 -27.71 12.55
N THR B 270 -7.73 -28.36 11.43
CA THR B 270 -6.72 -29.40 11.27
C THR B 270 -5.51 -28.90 10.45
N SER B 271 -5.50 -27.60 10.16
CA SER B 271 -4.32 -26.95 9.58
C SER B 271 -4.07 -25.59 10.21
N ALA B 272 -3.01 -24.96 9.74
CA ALA B 272 -2.72 -23.56 10.08
C ALA B 272 -3.76 -22.65 9.40
N PRO B 273 -4.08 -21.53 10.07
CA PRO B 273 -5.01 -20.61 9.49
C PRO B 273 -4.30 -19.74 8.49
N ALA B 274 -5.06 -19.19 7.54
CA ALA B 274 -4.60 -18.12 6.67
C ALA B 274 -5.58 -16.99 6.84
N VAL B 275 -5.07 -15.75 6.79
CA VAL B 275 -5.87 -14.55 7.00
C VAL B 275 -5.55 -13.54 5.92
N ALA B 276 -6.58 -12.88 5.41
CA ALA B 276 -6.34 -11.78 4.52
C ALA B 276 -7.48 -10.79 4.56
N LYS B 277 -7.27 -9.68 3.88
CA LYS B 277 -8.23 -8.60 3.89
C LYS B 277 -9.03 -8.53 2.60
N ASN B 278 -10.35 -8.48 2.74
CA ASN B 278 -11.19 -8.09 1.61
C ASN B 278 -10.89 -6.63 1.26
N CYS B 279 -11.39 -6.18 0.13
CA CYS B 279 -10.95 -4.88 -0.38
C CYS B 279 -11.51 -3.73 0.48
N ASP B 280 -12.64 -3.99 1.13
CA ASP B 280 -13.19 -3.12 2.17
C ASP B 280 -12.54 -3.24 3.58
N ASN B 281 -11.40 -3.96 3.64
CA ASN B 281 -10.60 -4.22 4.87
C ASN B 281 -11.12 -5.26 5.85
N ARG B 282 -12.28 -5.85 5.56
CA ARG B 282 -12.84 -6.93 6.39
C ARG B 282 -11.89 -8.13 6.40
N LEU B 283 -11.41 -8.51 7.58
CA LEU B 283 -10.54 -9.67 7.74
C LEU B 283 -11.31 -10.94 7.42
N GLU B 284 -10.61 -11.95 6.96
CA GLU B 284 -11.23 -13.22 6.62
C GLU B 284 -10.23 -14.35 6.84
N ALA B 285 -10.58 -15.28 7.72
CA ALA B 285 -9.71 -16.37 8.16
C ALA B 285 -10.14 -17.66 7.48
N PHE B 286 -9.17 -18.47 7.07
CA PHE B 286 -9.39 -19.67 6.29
C PHE B 286 -8.60 -20.76 6.96
N ALA B 287 -9.15 -21.97 6.96
CA ALA B 287 -8.44 -23.12 7.47
C ALA B 287 -9.11 -24.43 7.03
N ARG B 288 -8.27 -25.45 6.89
CA ARG B 288 -8.75 -26.84 6.77
C ARG B 288 -9.57 -27.29 7.97
N GLY B 289 -10.69 -27.98 7.69
CA GLY B 289 -11.61 -28.44 8.76
C GLY B 289 -11.34 -29.88 9.18
N THR B 290 -12.14 -30.36 10.12
CA THR B 290 -12.05 -31.76 10.58
C THR B 290 -12.42 -32.74 9.46
N ASP B 291 -13.24 -32.25 8.53
CA ASP B 291 -13.64 -32.99 7.33
C ASP B 291 -12.70 -32.82 6.13
N ASN B 292 -11.54 -32.17 6.35
CA ASN B 292 -10.56 -31.83 5.29
C ASN B 292 -11.05 -30.89 4.16
N ALA B 293 -12.19 -30.21 4.36
CA ALA B 293 -12.60 -29.13 3.45
C ALA B 293 -11.96 -27.76 3.84
N LEU B 294 -11.97 -26.85 2.88
CA LEU B 294 -11.74 -25.46 3.19
C LEU B 294 -12.96 -24.88 3.91
N TRP B 295 -12.70 -24.36 5.12
CA TRP B 295 -13.66 -23.55 5.84
C TRP B 295 -13.09 -22.15 6.04
N HIS B 296 -14.01 -21.20 6.24
CA HIS B 296 -13.68 -19.82 6.44
C HIS B 296 -14.63 -19.16 7.43
N THR B 297 -14.15 -18.10 8.06
CA THR B 297 -15.01 -17.18 8.78
C THR B 297 -14.55 -15.77 8.44
N TRP B 298 -15.48 -14.83 8.40
CA TRP B 298 -15.23 -13.47 7.94
C TRP B 298 -15.88 -12.45 8.87
N GLN B 299 -15.24 -11.27 8.94
CA GLN B 299 -15.86 -10.10 9.54
C GLN B 299 -17.09 -9.65 8.72
N THR B 300 -18.14 -9.26 9.43
CA THR B 300 -19.41 -8.81 8.85
C THR B 300 -19.54 -7.29 8.98
N VAL B 301 -20.30 -6.68 8.08
CA VAL B 301 -20.60 -5.23 8.10
C VAL B 301 -19.38 -4.39 7.68
N SER B 302 -18.36 -4.32 8.57
CA SER B 302 -17.15 -3.52 8.33
C SER B 302 -15.90 -4.17 8.91
N HIS B 303 -14.76 -3.55 8.65
CA HIS B 303 -13.49 -3.95 9.23
C HIS B 303 -13.44 -3.95 10.78
N SER B 304 -14.42 -3.39 11.48
CA SER B 304 -14.49 -3.49 12.94
C SER B 304 -15.84 -4.07 13.30
N GLY B 305 -16.20 -5.14 12.62
CA GLY B 305 -17.46 -5.83 12.84
C GLY B 305 -17.27 -7.24 13.35
N PRO B 306 -18.35 -7.82 13.89
CA PRO B 306 -18.30 -9.14 14.48
C PRO B 306 -18.14 -10.24 13.43
N TRP B 307 -17.48 -11.34 13.81
CA TRP B 307 -17.24 -12.46 12.89
C TRP B 307 -18.47 -13.37 12.62
N SER B 308 -18.59 -13.78 11.36
CA SER B 308 -19.54 -14.81 10.95
C SER B 308 -19.32 -16.07 11.74
N SER B 309 -20.26 -16.98 11.60
CA SER B 309 -20.04 -18.35 12.02
C SER B 309 -19.25 -18.99 10.91
N TRP B 310 -18.54 -20.03 11.27
CA TRP B 310 -17.81 -20.79 10.27
C TRP B 310 -18.72 -21.36 9.17
N GLN B 311 -18.27 -21.28 7.92
CA GLN B 311 -18.97 -21.84 6.75
C GLN B 311 -17.97 -22.60 5.88
N SER B 312 -18.43 -23.62 5.14
CA SER B 312 -17.58 -24.46 4.29
C SER B 312 -17.48 -23.98 2.83
N LEU B 313 -16.28 -24.11 2.27
CA LEU B 313 -16.01 -23.89 0.83
C LEU B 313 -15.54 -25.18 0.17
N ASN B 314 -15.94 -26.32 0.77
CA ASN B 314 -15.78 -27.65 0.18
C ASN B 314 -14.32 -27.99 -0.19
N GLY B 315 -14.13 -28.86 -1.21
CA GLY B 315 -12.83 -29.45 -1.51
C GLY B 315 -12.38 -30.45 -0.45
N VAL B 316 -11.27 -31.12 -0.75
CA VAL B 316 -10.62 -32.04 0.14
C VAL B 316 -9.15 -31.68 -0.02
N ILE B 317 -8.56 -31.11 1.04
CA ILE B 317 -7.21 -30.50 0.95
C ILE B 317 -6.21 -31.09 1.95
N THR B 318 -4.95 -31.06 1.55
CA THR B 318 -3.81 -31.75 2.18
C THR B 318 -2.70 -30.77 2.60
N SER B 319 -3.06 -29.50 2.75
CA SER B 319 -2.20 -28.46 3.29
C SER B 319 -3.15 -27.47 3.87
N ALA B 320 -2.59 -26.51 4.63
CA ALA B 320 -3.33 -25.33 5.01
C ALA B 320 -3.57 -24.55 3.73
N PRO B 321 -4.67 -23.77 3.71
CA PRO B 321 -4.82 -22.82 2.64
C PRO B 321 -3.88 -21.58 2.74
N THR B 322 -3.74 -20.89 1.61
CA THR B 322 -3.05 -19.60 1.49
C THR B 322 -3.97 -18.64 0.78
N ALA B 323 -4.23 -17.48 1.37
CA ALA B 323 -5.25 -16.57 0.82
C ALA B 323 -4.59 -15.28 0.45
N VAL B 324 -5.16 -14.60 -0.56
CA VAL B 324 -4.61 -13.33 -1.02
C VAL B 324 -5.64 -12.55 -1.78
N ARG B 325 -5.63 -11.23 -1.64
CA ARG B 325 -6.53 -10.40 -2.42
C ARG B 325 -5.88 -10.11 -3.77
N ASP B 326 -6.66 -10.17 -4.83
CA ASP B 326 -6.11 -10.05 -6.19
C ASP B 326 -6.34 -8.63 -6.71
N ALA B 327 -5.91 -8.38 -7.93
CA ALA B 327 -6.03 -7.06 -8.56
C ALA B 327 -7.47 -6.63 -8.90
N ASP B 328 -8.45 -7.53 -8.71
CA ASP B 328 -9.87 -7.18 -8.75
C ASP B 328 -10.49 -7.04 -7.35
N GLY B 329 -9.66 -7.01 -6.29
CA GLY B 329 -10.19 -6.94 -4.91
C GLY B 329 -10.97 -8.17 -4.41
N ARG B 330 -10.70 -9.32 -5.05
CA ARG B 330 -11.26 -10.58 -4.67
C ARG B 330 -10.21 -11.46 -3.97
N LEU B 331 -10.67 -12.19 -2.96
CA LEU B 331 -9.82 -13.19 -2.33
C LEU B 331 -9.75 -14.44 -3.18
N GLU B 332 -8.53 -14.90 -3.39
CA GLU B 332 -8.27 -16.18 -3.99
C GLU B 332 -7.56 -16.99 -2.95
N VAL B 333 -8.01 -18.25 -2.82
CA VAL B 333 -7.42 -19.20 -1.86
C VAL B 333 -6.86 -20.40 -2.59
N PHE B 334 -5.64 -20.78 -2.18
CA PHE B 334 -4.85 -21.84 -2.77
C PHE B 334 -4.61 -22.92 -1.74
N ALA B 335 -4.61 -24.17 -2.17
CA ALA B 335 -4.36 -25.29 -1.29
C ALA B 335 -3.95 -26.54 -2.08
N ARG B 336 -3.10 -27.36 -1.48
CA ARG B 336 -2.84 -28.67 -2.10
C ARG B 336 -4.10 -29.59 -2.05
N GLY B 337 -4.24 -30.42 -3.08
CA GLY B 337 -5.37 -31.38 -3.21
C GLY B 337 -4.96 -32.81 -2.86
N THR B 338 -5.91 -33.74 -2.92
CA THR B 338 -5.59 -35.17 -2.64
C THR B 338 -4.55 -35.80 -3.55
N ASP B 339 -4.47 -35.31 -4.78
CA ASP B 339 -3.44 -35.68 -5.78
C ASP B 339 -2.10 -34.91 -5.74
N ASN B 340 -1.89 -34.15 -4.65
CA ASN B 340 -0.68 -33.35 -4.38
C ASN B 340 -0.43 -32.08 -5.28
N ALA B 341 -1.42 -31.75 -6.09
CA ALA B 341 -1.39 -30.57 -6.92
C ALA B 341 -1.99 -29.41 -6.13
N LEU B 342 -1.69 -28.21 -6.56
CA LEU B 342 -2.25 -27.01 -5.97
C LEU B 342 -3.59 -26.71 -6.60
N TRP B 343 -4.62 -26.59 -5.78
CA TRP B 343 -5.96 -26.20 -6.25
C TRP B 343 -6.29 -24.77 -5.82
N LEU B 344 -7.31 -24.19 -6.45
CA LEU B 344 -7.63 -22.76 -6.37
C LEU B 344 -9.17 -22.55 -6.37
N THR B 345 -9.66 -21.71 -5.46
CA THR B 345 -11.05 -21.23 -5.48
C THR B 345 -10.98 -19.72 -5.16
N TRP B 346 -11.95 -18.98 -5.68
CA TRP B 346 -11.98 -17.54 -5.51
C TRP B 346 -13.36 -17.00 -5.26
N GLN B 347 -13.45 -15.79 -4.73
CA GLN B 347 -14.72 -15.14 -4.48
C GLN B 347 -15.39 -14.73 -5.77
N THR B 348 -16.73 -14.78 -5.81
CA THR B 348 -17.52 -14.22 -6.92
C THR B 348 -18.54 -13.24 -6.36
N ALA B 349 -19.36 -12.65 -7.23
CA ALA B 349 -20.47 -11.78 -6.80
C ALA B 349 -21.25 -12.40 -5.62
N SER B 350 -21.78 -13.59 -5.85
CA SER B 350 -22.60 -14.29 -4.85
C SER B 350 -21.75 -15.03 -3.83
N SER B 351 -20.90 -15.90 -4.36
CA SER B 351 -20.48 -17.09 -3.65
C SER B 351 -18.97 -17.28 -3.84
N TRP B 352 -18.57 -18.53 -4.03
CA TRP B 352 -17.22 -18.90 -4.46
C TRP B 352 -17.25 -19.86 -5.67
N SER B 353 -16.08 -20.02 -6.29
CA SER B 353 -15.97 -20.66 -7.58
C SER B 353 -15.63 -22.11 -7.35
N PRO B 354 -15.99 -22.99 -8.31
CA PRO B 354 -15.65 -24.39 -8.10
C PRO B 354 -14.14 -24.54 -8.06
N TRP B 355 -13.66 -25.49 -7.26
CA TRP B 355 -12.24 -25.78 -7.21
C TRP B 355 -11.72 -26.08 -8.64
N ILE B 356 -10.57 -25.50 -8.98
CA ILE B 356 -9.89 -25.75 -10.24
C ILE B 356 -8.46 -26.13 -9.91
N SER B 357 -7.76 -26.80 -10.81
CA SER B 357 -6.39 -27.27 -10.58
C SER B 357 -5.28 -26.53 -11.39
N LEU B 358 -4.29 -26.01 -10.66
CA LEU B 358 -3.10 -25.42 -11.31
C LEU B 358 -2.02 -26.47 -11.59
N GLY B 359 -2.31 -27.72 -11.25
CA GLY B 359 -1.43 -28.84 -11.54
C GLY B 359 -0.28 -28.82 -10.55
N GLY B 360 0.83 -29.40 -10.97
CA GLY B 360 2.03 -29.52 -10.16
C GLY B 360 1.98 -30.65 -9.16
N VAL B 361 3.14 -31.01 -8.61
CA VAL B 361 3.24 -31.90 -7.45
C VAL B 361 4.12 -31.24 -6.38
N LEU B 362 3.49 -30.82 -5.28
CA LEU B 362 4.17 -30.03 -4.25
C LEU B 362 4.38 -30.81 -2.96
N ILE B 363 5.56 -30.63 -2.37
CA ILE B 363 5.88 -31.20 -1.04
C ILE B 363 5.81 -30.11 0.02
N ASP B 364 5.55 -30.54 1.24
CA ASP B 364 5.67 -29.67 2.38
C ASP B 364 7.11 -29.78 2.85
N ALA B 365 7.87 -28.70 2.66
CA ALA B 365 9.31 -28.65 3.03
C ALA B 365 9.61 -27.76 4.26
N SER B 366 8.54 -27.39 4.99
CA SER B 366 8.66 -26.46 6.12
C SER B 366 9.72 -27.01 7.05
N ALA B 367 10.62 -26.15 7.53
CA ALA B 367 11.78 -26.54 8.33
C ALA B 367 11.40 -26.87 9.75
N ILE B 368 10.16 -26.57 10.13
CA ILE B 368 9.60 -26.96 11.41
C ILE B 368 8.17 -27.43 11.12
N LYS B 369 7.86 -28.60 11.70
CA LYS B 369 6.60 -29.34 11.54
C LYS B 369 6.05 -29.76 12.90
#